data_3UPP
#
_entry.id   3UPP
#
_cell.length_a   123.078
_cell.length_b   123.078
_cell.length_c   101.284
_cell.angle_alpha   90.00
_cell.angle_beta   90.00
_cell.angle_gamma   120.00
#
_symmetry.space_group_name_H-M   'P 61'
#
loop_
_entity.id
_entity.type
_entity.pdbx_description
1 polymer 'Penicillin-binding protein A'
2 non-polymer "CEFOTAXIME, C3' cleaved, open, bound form"
3 water water
#
_entity_poly.entity_id   1
_entity_poly.type   'polypeptide(L)'
_entity_poly.pdbx_seq_one_letter_code
;GAMGSRADPRNQRVLLDEYSRQRGQITAGGQLLAYSVATDGRFRFLRVYPNPEVYAPVTGFYSLRYSSTALERAEDPILN
GSDRRLFGRRLADFFTGRDPRGGNVDTTINPRIQQAGWDAMQQGCYGPCKGAVVALEPSTGKILALVSSPSYDPNLLASH
NPEVQAQAWQRLGDNPASPLTNRAISETYPPGSTFKVITTAAALAAGATETEQLTAAPTIPLPGSTAQLENYGGAPCGDE
PTVSLREAFVKSCNTAFVQLGIRTGADALRSMARAFGLDSPPRPTPLQVAESTVGPIPDSAALGMTSIGQKDVALTPLAN
AEIAATIANGGITMRPYLVGSLKGPDLANISTTVRYQQRRAVSPQVAAKLTELMVGAEKVAQQKGAIPGVQIASKTGTAE
HGTDPRHTPPHAWYIAFAPAQAPKVAVAVLVENGADRLSATGGALAAPIGRAVIEAALQGEP
;
_entity_poly.pdbx_strand_id   A,B
#
# COMPACT_ATOMS: atom_id res chain seq x y z
N LEU A 15 -5.85 50.68 -8.91
CA LEU A 15 -5.04 49.66 -8.17
C LEU A 15 -3.95 50.26 -7.30
N LEU A 16 -3.41 51.41 -7.70
CA LEU A 16 -2.39 52.12 -6.93
C LEU A 16 -2.92 52.60 -5.58
N ASP A 17 -4.18 53.03 -5.55
CA ASP A 17 -4.84 53.48 -4.33
C ASP A 17 -5.17 52.33 -3.39
N GLU A 18 -5.72 51.24 -3.96
CA GLU A 18 -5.96 49.99 -3.25
C GLU A 18 -4.72 49.48 -2.50
N TYR A 19 -3.57 49.49 -3.19
CA TYR A 19 -2.32 49.01 -2.63
C TYR A 19 -1.59 50.07 -1.81
N SER A 20 -2.09 51.31 -1.83
CA SER A 20 -1.53 52.36 -0.98
C SER A 20 -1.92 52.17 0.49
N ARG A 21 -3.07 51.52 0.72
CA ARG A 21 -3.56 51.24 2.08
C ARG A 21 -3.27 49.78 2.47
N GLN A 22 -3.10 49.54 3.77
CA GLN A 22 -2.78 48.20 4.28
C GLN A 22 -3.98 47.26 4.36
N ARG A 23 -4.05 46.34 3.41
CA ARG A 23 -5.06 45.26 3.43
C ARG A 23 -4.96 44.46 4.73
N GLY A 24 -6.11 44.11 5.31
CA GLY A 24 -6.12 43.38 6.56
C GLY A 24 -5.70 41.90 6.49
N GLN A 25 -5.76 41.23 7.62
CA GLN A 25 -5.28 39.88 7.76
C GLN A 25 -6.38 38.81 7.66
N ILE A 26 -6.01 37.68 7.09
CA ILE A 26 -6.74 36.42 7.20
C ILE A 26 -5.95 35.56 8.18
N THR A 27 -6.61 35.12 9.26
CA THR A 27 -5.92 34.37 10.31
C THR A 27 -6.58 33.01 10.60
N ALA A 28 -5.83 32.15 11.31
CA ALA A 28 -6.35 30.90 11.86
C ALA A 28 -5.66 30.59 13.20
N GLY A 29 -6.44 30.44 14.26
CA GLY A 29 -5.86 30.21 15.59
C GLY A 29 -4.88 31.29 15.98
N GLY A 30 -5.26 32.55 15.75
CA GLY A 30 -4.41 33.71 16.06
C GLY A 30 -3.07 33.70 15.35
N GLN A 31 -3.04 33.07 14.18
CA GLN A 31 -1.83 33.01 13.35
C GLN A 31 -2.19 33.47 11.96
N LEU A 32 -1.20 33.93 11.21
CA LEU A 32 -1.45 34.64 9.97
C LEU A 32 -1.38 33.74 8.75
N LEU A 33 -2.36 33.88 7.87
CA LEU A 33 -2.38 33.09 6.65
C LEU A 33 -2.12 34.00 5.45
N ALA A 34 -2.55 35.24 5.59
CA ALA A 34 -2.30 36.27 4.60
C ALA A 34 -2.23 37.61 5.32
N TYR A 35 -1.21 38.39 4.97
CA TYR A 35 -1.07 39.74 5.49
C TYR A 35 -0.40 40.65 4.46
N SER A 36 -0.31 41.94 4.76
CA SER A 36 0.33 42.90 3.86
C SER A 36 1.49 43.60 4.52
N VAL A 37 2.61 43.66 3.81
CA VAL A 37 3.82 44.36 4.27
C VAL A 37 3.99 45.65 3.49
N ALA A 38 4.36 46.72 4.19
CA ALA A 38 4.68 48.01 3.55
C ALA A 38 6.07 47.96 2.90
N THR A 39 6.11 48.29 1.61
CA THR A 39 7.34 48.25 0.86
C THR A 39 7.60 49.59 0.19
N ASP A 40 8.70 49.65 -0.56
CA ASP A 40 9.08 50.80 -1.36
C ASP A 40 8.51 50.72 -2.77
N GLY A 41 7.59 49.78 -3.01
CA GLY A 41 7.04 49.60 -4.33
C GLY A 41 6.14 50.76 -4.73
N ARG A 42 6.00 50.99 -6.04
CA ARG A 42 4.94 51.83 -6.60
C ARG A 42 3.65 51.51 -5.83
N PHE A 43 3.21 50.26 -5.93
CA PHE A 43 2.15 49.70 -5.09
C PHE A 43 2.78 49.35 -3.74
N ARG A 44 2.51 50.14 -2.71
CA ARG A 44 3.22 50.05 -1.44
C ARG A 44 3.13 48.72 -0.71
N PHE A 45 1.94 48.16 -0.65
CA PHE A 45 1.73 46.95 0.13
C PHE A 45 1.90 45.67 -0.65
N LEU A 46 2.84 44.85 -0.20
CA LEU A 46 2.98 43.50 -0.74
C LEU A 46 2.16 42.47 0.08
N ARG A 47 1.37 41.67 -0.64
CA ARG A 47 0.61 40.58 -0.03
C ARG A 47 1.51 39.36 0.21
N VAL A 48 1.56 38.92 1.46
CA VAL A 48 2.42 37.81 1.87
C VAL A 48 1.59 36.63 2.40
N TYR A 49 1.96 35.42 1.95
CA TYR A 49 1.37 34.16 2.43
C TYR A 49 2.44 33.31 3.07
N PRO A 50 2.54 33.30 4.41
CA PRO A 50 3.69 32.68 5.11
C PRO A 50 3.74 31.16 5.02
N ASN A 51 2.61 30.52 4.75
CA ASN A 51 2.53 29.07 4.55
C ASN A 51 1.65 28.79 3.33
N PRO A 52 2.16 29.16 2.14
CA PRO A 52 1.37 29.38 0.92
C PRO A 52 0.52 28.18 0.44
N GLU A 53 1.14 27.03 0.23
CA GLU A 53 0.46 25.87 -0.33
C GLU A 53 -0.56 25.27 0.63
N VAL A 54 -0.20 25.23 1.91
CA VAL A 54 -1.06 24.65 2.92
C VAL A 54 -2.40 25.37 2.98
N TYR A 55 -2.38 26.70 3.01
CA TYR A 55 -3.58 27.48 3.26
C TYR A 55 -4.21 28.10 2.04
N ALA A 56 -3.69 27.79 0.85
CA ALA A 56 -4.23 28.34 -0.41
C ALA A 56 -5.70 28.02 -0.72
N PRO A 57 -6.20 26.82 -0.36
CA PRO A 57 -7.67 26.64 -0.47
C PRO A 57 -8.50 27.64 0.36
N VAL A 58 -7.92 28.11 1.44
CA VAL A 58 -8.59 28.99 2.39
C VAL A 58 -8.43 30.43 1.94
N THR A 59 -7.16 30.89 1.85
CA THR A 59 -6.85 32.29 1.55
C THR A 59 -7.19 32.65 0.11
N GLY A 60 -6.90 31.75 -0.81
CA GLY A 60 -6.87 32.09 -2.22
C GLY A 60 -5.72 33.06 -2.45
N PHE A 61 -5.78 33.81 -3.55
CA PHE A 61 -4.76 34.79 -3.81
C PHE A 61 -5.35 36.17 -3.99
N TYR A 62 -4.45 37.16 -3.95
CA TYR A 62 -4.79 38.53 -4.18
C TYR A 62 -3.65 39.11 -5.03
N SER A 63 -3.99 39.42 -6.27
CA SER A 63 -3.02 39.63 -7.32
C SER A 63 -3.36 40.86 -8.13
N LEU A 64 -2.36 41.73 -8.34
CA LEU A 64 -2.54 42.97 -9.11
C LEU A 64 -3.14 42.70 -10.47
N ARG A 65 -2.65 41.65 -11.13
CA ARG A 65 -3.04 41.36 -12.50
C ARG A 65 -4.26 40.42 -12.58
N TYR A 66 -4.38 39.49 -11.63
CA TYR A 66 -5.38 38.41 -11.74
C TYR A 66 -6.53 38.43 -10.71
N SER A 67 -6.65 39.54 -9.98
CA SER A 67 -7.70 39.76 -8.99
C SER A 67 -7.51 38.83 -7.80
N SER A 68 -8.63 38.35 -7.23
CA SER A 68 -8.61 37.55 -6.00
C SER A 68 -9.46 36.30 -6.12
N THR A 69 -9.25 35.37 -5.18
CA THR A 69 -10.02 34.14 -5.06
C THR A 69 -10.25 33.81 -3.59
N ALA A 70 -11.09 32.82 -3.35
CA ALA A 70 -11.41 32.34 -2.01
C ALA A 70 -11.78 33.47 -1.05
N LEU A 71 -11.17 33.50 0.13
CA LEU A 71 -11.50 34.47 1.15
C LEU A 71 -11.00 35.87 0.84
N GLU A 72 -9.88 35.97 0.10
CA GLU A 72 -9.41 37.27 -0.39
C GLU A 72 -10.48 37.91 -1.27
N ARG A 73 -11.19 37.08 -2.03
CA ARG A 73 -12.32 37.54 -2.82
C ARG A 73 -13.57 37.67 -1.97
N ALA A 74 -13.98 36.56 -1.33
CA ALA A 74 -15.21 36.56 -0.51
C ALA A 74 -15.23 37.65 0.54
N GLU A 75 -14.12 37.85 1.23
CA GLU A 75 -14.04 38.88 2.26
C GLU A 75 -13.37 40.17 1.82
N ASP A 76 -13.32 40.41 0.51
CA ASP A 76 -12.63 41.59 -0.02
C ASP A 76 -12.94 42.93 0.67
N PRO A 77 -14.23 43.26 0.87
CA PRO A 77 -14.56 44.57 1.47
C PRO A 77 -14.08 44.75 2.90
N ILE A 78 -14.09 43.67 3.68
CA ILE A 78 -13.55 43.72 5.02
C ILE A 78 -12.05 43.94 4.96
N LEU A 79 -11.38 43.13 4.14
CA LEU A 79 -9.92 43.14 4.08
C LEU A 79 -9.37 44.44 3.48
N ASN A 80 -10.06 45.03 2.50
CA ASN A 80 -9.59 46.31 1.93
C ASN A 80 -10.12 47.51 2.70
N GLY A 81 -11.12 47.30 3.54
CA GLY A 81 -11.64 48.33 4.44
C GLY A 81 -12.76 49.18 3.86
N SER A 82 -13.32 48.73 2.73
CA SER A 82 -14.40 49.44 2.08
C SER A 82 -15.78 49.05 2.62
N ASP A 83 -15.82 47.97 3.41
CA ASP A 83 -17.04 47.46 4.01
C ASP A 83 -17.74 48.54 4.82
N ARG A 84 -19.06 48.64 4.66
CA ARG A 84 -19.85 49.71 5.31
C ARG A 84 -19.83 49.67 6.85
N ARG A 85 -19.62 48.46 7.41
CA ARG A 85 -19.42 48.29 8.86
C ARG A 85 -18.09 48.86 9.35
N LEU A 86 -17.21 49.20 8.40
CA LEU A 86 -15.88 49.73 8.71
C LEU A 86 -15.75 51.21 8.35
N PHE A 87 -16.83 51.80 7.84
CA PHE A 87 -16.79 53.17 7.37
C PHE A 87 -16.38 54.17 8.47
N GLY A 88 -16.86 53.95 9.69
CA GLY A 88 -16.55 54.80 10.84
C GLY A 88 -15.06 54.84 11.18
N ARG A 89 -14.43 53.68 11.25
CA ARG A 89 -12.98 53.59 11.46
C ARG A 89 -12.20 54.40 10.42
N ARG A 90 -12.58 54.24 9.15
CA ARG A 90 -11.94 54.91 8.03
C ARG A 90 -12.04 56.44 8.10
N LEU A 91 -13.17 56.93 8.62
CA LEU A 91 -13.37 58.35 8.82
C LEU A 91 -12.49 58.86 9.97
N ALA A 92 -12.47 58.09 11.06
CA ALA A 92 -11.64 58.37 12.22
C ALA A 92 -10.15 58.34 11.89
N ASP A 93 -9.76 57.41 11.02
CA ASP A 93 -8.36 57.28 10.56
C ASP A 93 -7.86 58.52 9.83
N PHE A 94 -8.66 58.98 8.86
CA PHE A 94 -8.31 60.13 8.05
C PHE A 94 -8.24 61.41 8.89
N PHE A 95 -9.32 61.68 9.64
CA PHE A 95 -9.45 62.85 10.53
C PHE A 95 -8.29 62.97 11.54
N THR A 96 -7.74 61.84 11.94
CA THR A 96 -6.66 61.82 12.92
C THR A 96 -5.27 61.76 12.28
N GLY A 97 -5.21 61.44 10.99
CA GLY A 97 -3.94 61.29 10.28
C GLY A 97 -3.29 59.95 10.55
N ARG A 98 -4.09 58.92 10.82
CA ARG A 98 -3.60 57.55 10.95
C ARG A 98 -3.52 56.84 9.60
N ASP A 99 -2.44 56.06 9.43
CA ASP A 99 -2.25 55.16 8.29
C ASP A 99 -3.43 54.18 8.24
N PRO A 100 -4.27 54.27 7.17
CA PRO A 100 -5.48 53.42 7.08
C PRO A 100 -5.20 51.92 6.90
N ARG A 101 -5.98 51.10 7.61
CA ARG A 101 -5.85 49.65 7.59
C ARG A 101 -7.22 49.02 7.37
N GLY A 102 -7.24 47.90 6.65
CA GLY A 102 -8.47 47.11 6.49
C GLY A 102 -8.75 46.23 7.69
N GLY A 103 -9.87 45.52 7.65
CA GLY A 103 -10.24 44.61 8.71
C GLY A 103 -9.64 43.21 8.59
N ASN A 104 -9.80 42.43 9.64
CA ASN A 104 -9.32 41.05 9.73
C ASN A 104 -10.41 40.00 9.52
N VAL A 105 -10.06 38.91 8.84
CA VAL A 105 -10.94 37.77 8.72
C VAL A 105 -10.38 36.66 9.58
N ASP A 106 -11.13 36.28 10.62
CA ASP A 106 -10.71 35.18 11.48
C ASP A 106 -11.40 33.88 11.09
N THR A 107 -10.63 32.97 10.49
CA THR A 107 -11.22 31.71 10.01
C THR A 107 -11.45 30.72 11.15
N THR A 108 -12.10 29.62 10.80
CA THR A 108 -12.41 28.54 11.73
C THR A 108 -11.34 27.46 11.66
N ILE A 109 -10.31 27.69 10.86
CA ILE A 109 -9.31 26.67 10.58
C ILE A 109 -8.46 26.46 11.81
N ASN A 110 -8.26 25.18 12.17
CA ASN A 110 -7.27 24.82 13.18
C ASN A 110 -5.92 24.52 12.50
N PRO A 111 -4.91 25.38 12.73
CA PRO A 111 -3.60 25.29 12.11
C PRO A 111 -2.97 23.89 12.14
N ARG A 112 -3.04 23.23 13.29
CA ARG A 112 -2.44 21.91 13.44
C ARG A 112 -3.19 20.82 12.68
N ILE A 113 -4.50 20.92 12.62
CA ILE A 113 -5.30 19.97 11.85
C ILE A 113 -5.09 20.23 10.34
N GLN A 114 -5.04 21.49 9.94
CA GLN A 114 -4.74 21.88 8.54
C GLN A 114 -3.35 21.40 8.10
N GLN A 115 -2.33 21.63 8.94
CA GLN A 115 -0.97 21.19 8.63
C GLN A 115 -0.85 19.66 8.53
N ALA A 116 -1.44 18.94 9.49
CA ALA A 116 -1.35 17.48 9.50
C ALA A 116 -2.09 16.89 8.31
N GLY A 117 -3.20 17.48 7.93
CA GLY A 117 -3.89 17.09 6.72
C GLY A 117 -3.07 17.29 5.47
N TRP A 118 -2.38 18.43 5.40
CA TRP A 118 -1.43 18.73 4.29
C TRP A 118 -0.24 17.79 4.29
N ASP A 119 0.44 17.68 5.44
CA ASP A 119 1.59 16.77 5.56
C ASP A 119 1.24 15.35 5.16
N ALA A 120 0.11 14.84 5.67
CA ALA A 120 -0.32 13.46 5.38
C ALA A 120 -0.59 13.26 3.90
N MET A 121 -1.12 14.28 3.22
CA MET A 121 -1.33 14.21 1.78
C MET A 121 -0.03 14.24 0.97
N GLN A 122 0.99 14.92 1.49
CA GLN A 122 2.28 14.97 0.79
C GLN A 122 3.06 13.65 0.95
N GLN A 123 2.85 12.97 2.08
CA GLN A 123 3.63 11.78 2.41
C GLN A 123 2.85 10.49 2.22
N GLY A 124 1.56 10.60 1.88
CA GLY A 124 0.67 9.46 1.98
C GLY A 124 0.45 8.59 0.75
N CYS A 125 1.02 8.97 -0.37
CA CYS A 125 0.81 8.23 -1.61
C CYS A 125 2.14 7.80 -2.21
N TYR A 126 3.07 7.36 -1.35
CA TYR A 126 4.46 7.15 -1.75
C TYR A 126 4.91 8.39 -2.51
N GLY A 127 4.92 9.53 -1.83
CA GLY A 127 4.95 10.81 -2.52
C GLY A 127 3.59 11.47 -2.32
N PRO A 128 3.39 12.66 -2.92
CA PRO A 128 2.19 13.46 -2.70
C PRO A 128 0.92 12.87 -3.30
N CYS A 129 -0.17 12.98 -2.54
CA CYS A 129 -1.50 12.59 -3.00
C CYS A 129 -2.16 13.74 -3.73
N LYS A 130 -2.94 13.39 -4.75
CA LYS A 130 -3.91 14.28 -5.35
C LYS A 130 -5.24 14.11 -4.56
N GLY A 131 -5.89 15.20 -4.16
CA GLY A 131 -7.22 15.08 -3.50
C GLY A 131 -7.55 16.13 -2.46
N ALA A 132 -8.35 15.76 -1.46
CA ALA A 132 -8.84 16.71 -0.44
C ALA A 132 -8.92 16.12 0.95
N VAL A 133 -8.71 16.97 1.95
CA VAL A 133 -9.03 16.65 3.35
C VAL A 133 -9.91 17.77 3.93
N VAL A 134 -11.05 17.39 4.51
CA VAL A 134 -11.95 18.32 5.19
C VAL A 134 -12.14 17.80 6.61
N ALA A 135 -12.02 18.67 7.59
CA ALA A 135 -12.31 18.32 8.98
C ALA A 135 -13.33 19.30 9.51
N LEU A 136 -14.34 18.78 10.21
CA LEU A 136 -15.45 19.57 10.77
C LEU A 136 -15.54 19.38 12.27
N GLU A 137 -16.04 20.40 12.96
CA GLU A 137 -16.48 20.23 14.34
C GLU A 137 -17.98 19.91 14.26
N PRO A 138 -18.36 18.64 14.55
CA PRO A 138 -19.76 18.22 14.34
C PRO A 138 -20.82 19.06 15.08
N SER A 139 -20.49 19.56 16.26
CA SER A 139 -21.49 20.22 17.10
C SER A 139 -21.72 21.68 16.68
N THR A 140 -20.78 22.24 15.93
CA THR A 140 -20.87 23.66 15.62
C THR A 140 -20.98 23.92 14.13
N GLY A 141 -20.36 23.05 13.34
CA GLY A 141 -20.28 23.22 11.91
C GLY A 141 -18.99 23.92 11.48
N LYS A 142 -18.10 24.20 12.42
CA LYS A 142 -16.81 24.81 12.08
C LYS A 142 -16.02 23.95 11.09
N ILE A 143 -15.45 24.59 10.07
CA ILE A 143 -14.46 23.96 9.19
C ILE A 143 -13.05 24.11 9.81
N LEU A 144 -12.61 23.02 10.44
CA LEU A 144 -11.32 22.96 11.12
C LEU A 144 -10.15 22.77 10.18
N ALA A 145 -10.42 22.19 9.01
CA ALA A 145 -9.37 21.98 8.04
C ALA A 145 -9.98 21.97 6.66
N LEU A 146 -9.30 22.63 5.73
CA LEU A 146 -9.75 22.65 4.35
C LEU A 146 -8.54 22.54 3.41
N VAL A 147 -8.21 21.29 3.09
CA VAL A 147 -6.95 20.97 2.44
C VAL A 147 -7.23 20.45 1.04
N SER A 148 -6.47 20.96 0.08
CA SER A 148 -6.50 20.46 -1.28
C SER A 148 -5.07 20.25 -1.76
N SER A 149 -4.88 19.19 -2.53
CA SER A 149 -3.58 18.79 -2.99
C SER A 149 -3.74 18.31 -4.42
N PRO A 150 -2.87 18.74 -5.33
CA PRO A 150 -1.80 19.69 -5.14
C PRO A 150 -2.36 21.10 -4.92
N SER A 151 -1.56 21.93 -4.27
CA SER A 151 -1.92 23.29 -4.05
C SER A 151 -0.91 24.16 -4.83
N TYR A 152 -0.85 25.45 -4.53
CA TYR A 152 -0.03 26.38 -5.27
C TYR A 152 0.44 27.48 -4.31
N ASP A 153 1.39 28.29 -4.77
CA ASP A 153 1.94 29.38 -3.97
C ASP A 153 1.29 30.72 -4.37
N PRO A 154 0.36 31.26 -3.53
CA PRO A 154 -0.21 32.58 -3.84
C PRO A 154 0.79 33.74 -3.91
N ASN A 155 1.93 33.65 -3.21
CA ASN A 155 2.97 34.72 -3.34
C ASN A 155 3.43 34.94 -4.78
N LEU A 156 3.33 33.89 -5.59
CA LEU A 156 3.66 33.98 -6.99
C LEU A 156 2.78 35.03 -7.67
N LEU A 157 1.48 34.98 -7.33
CA LEU A 157 0.47 35.83 -7.93
C LEU A 157 0.38 37.19 -7.21
N ALA A 158 0.96 37.28 -6.02
CA ALA A 158 1.06 38.54 -5.26
C ALA A 158 2.32 39.37 -5.57
N SER A 159 3.20 38.85 -6.45
CA SER A 159 4.37 39.58 -6.89
C SER A 159 3.91 40.84 -7.61
N HIS A 160 4.59 41.95 -7.32
CA HIS A 160 4.31 43.22 -7.99
C HIS A 160 4.95 43.29 -9.38
N ASN A 161 5.76 42.27 -9.70
CA ASN A 161 6.27 42.04 -11.05
C ASN A 161 5.26 41.28 -11.94
N PRO A 162 4.94 41.84 -13.12
CA PRO A 162 3.89 41.28 -13.99
C PRO A 162 4.27 39.98 -14.70
N GLU A 163 5.55 39.77 -14.92
CA GLU A 163 6.03 38.60 -15.62
C GLU A 163 6.03 37.41 -14.67
N VAL A 164 6.30 37.67 -13.39
CA VAL A 164 6.27 36.62 -12.37
C VAL A 164 4.83 36.08 -12.22
N GLN A 165 3.88 37.00 -12.16
CA GLN A 165 2.46 36.66 -12.09
C GLN A 165 2.00 35.91 -13.33
N ALA A 166 2.36 36.44 -14.50
CA ALA A 166 1.91 35.89 -15.78
C ALA A 166 2.47 34.49 -16.03
N GLN A 167 3.69 34.28 -15.56
CA GLN A 167 4.42 33.03 -15.72
C GLN A 167 3.78 31.97 -14.84
N ALA A 168 3.42 32.38 -13.63
CA ALA A 168 2.79 31.52 -12.65
C ALA A 168 1.40 31.12 -13.14
N TRP A 169 0.64 32.11 -13.60
CA TRP A 169 -0.71 31.91 -14.15
C TRP A 169 -0.72 30.91 -15.29
N GLN A 170 0.19 31.11 -16.24
CA GLN A 170 0.34 30.18 -17.35
C GLN A 170 0.71 28.76 -16.89
N ARG A 171 1.63 28.65 -15.93
CA ARG A 171 2.01 27.33 -15.40
C ARG A 171 0.82 26.64 -14.71
N LEU A 172 0.17 27.36 -13.78
CA LEU A 172 -1.01 26.87 -13.04
C LEU A 172 -2.12 26.35 -13.95
N GLY A 173 -2.49 27.14 -14.96
CA GLY A 173 -3.56 26.78 -15.88
C GLY A 173 -3.20 25.70 -16.88
N ASP A 174 -1.91 25.53 -17.15
CA ASP A 174 -1.45 24.46 -18.01
C ASP A 174 -1.21 23.17 -17.22
N ASN A 175 -0.97 23.28 -15.92
CA ASN A 175 -0.76 22.11 -15.08
C ASN A 175 -2.00 21.21 -15.12
N PRO A 176 -1.86 19.97 -15.62
CA PRO A 176 -3.00 19.06 -15.74
C PRO A 176 -3.55 18.63 -14.39
N ALA A 177 -2.73 18.73 -13.34
CA ALA A 177 -3.13 18.37 -11.98
C ALA A 177 -3.96 19.49 -11.33
N SER A 178 -4.05 20.62 -12.04
CA SER A 178 -4.96 21.72 -11.69
C SER A 178 -4.91 22.17 -10.22
N PRO A 179 -3.71 22.61 -9.74
CA PRO A 179 -3.50 23.06 -8.36
C PRO A 179 -4.42 24.19 -7.85
N LEU A 180 -5.00 24.97 -8.76
CA LEU A 180 -5.89 26.07 -8.38
C LEU A 180 -7.25 25.59 -7.85
N THR A 181 -7.66 24.40 -8.28
CA THR A 181 -8.92 23.79 -7.88
C THR A 181 -8.92 23.48 -6.38
N ASN A 182 -9.94 23.96 -5.67
CA ASN A 182 -10.14 23.53 -4.31
C ASN A 182 -10.99 22.28 -4.44
N ARG A 183 -10.35 21.11 -4.31
CA ARG A 183 -10.99 19.81 -4.54
C ARG A 183 -11.92 19.44 -3.38
N ALA A 184 -11.76 20.16 -2.27
CA ALA A 184 -12.54 19.94 -1.08
C ALA A 184 -14.00 20.40 -1.24
N ILE A 185 -14.19 21.45 -2.07
CA ILE A 185 -15.51 22.09 -2.18
C ILE A 185 -16.02 22.31 -3.62
N SER A 186 -15.14 22.19 -4.62
CA SER A 186 -15.48 22.52 -6.02
C SER A 186 -15.66 21.31 -6.93
N GLU A 187 -15.11 20.19 -6.51
CA GLU A 187 -15.12 19.00 -7.31
C GLU A 187 -16.02 17.97 -6.62
N THR A 188 -16.72 17.18 -7.41
CA THR A 188 -17.57 16.09 -6.91
C THR A 188 -17.02 14.77 -7.43
N TYR A 189 -17.11 13.73 -6.60
CA TYR A 189 -16.52 12.41 -6.89
C TYR A 189 -17.49 11.31 -6.49
N PRO A 190 -17.50 10.18 -7.21
CA PRO A 190 -18.31 9.05 -6.67
C PRO A 190 -17.80 8.66 -5.28
N PRO A 191 -18.71 8.55 -4.28
CA PRO A 191 -18.30 8.24 -2.90
C PRO A 191 -18.00 6.77 -2.66
N GLY A 192 -18.39 5.90 -3.59
CA GLY A 192 -18.19 4.48 -3.41
C GLY A 192 -18.83 3.96 -2.14
N SER A 193 -18.09 3.10 -1.43
CA SER A 193 -18.61 2.38 -0.28
C SER A 193 -19.01 3.27 0.88
N THR A 194 -18.44 4.47 0.96
CA THR A 194 -18.86 5.43 2.01
C THR A 194 -20.37 5.71 1.95
N PHE A 195 -20.95 5.57 0.75
CA PHE A 195 -22.40 5.84 0.57
C PHE A 195 -23.29 4.75 1.19
N LYS A 196 -22.69 3.59 1.45
CA LYS A 196 -23.37 2.56 2.24
C LYS A 196 -23.87 3.12 3.57
N VAL A 197 -23.31 4.24 4.02
CA VAL A 197 -23.82 4.91 5.21
C VAL A 197 -25.23 5.47 4.95
N ILE A 198 -25.46 5.96 3.74
CA ILE A 198 -26.76 6.54 3.36
C ILE A 198 -27.78 5.43 3.13
N THR A 199 -27.36 4.40 2.40
CA THR A 199 -28.18 3.24 2.12
C THR A 199 -28.64 2.57 3.42
N THR A 200 -27.73 2.48 4.39
CA THR A 200 -28.01 1.89 5.68
C THR A 200 -29.01 2.77 6.45
N ALA A 201 -28.77 4.08 6.46
CA ALA A 201 -29.70 5.03 7.08
C ALA A 201 -31.14 4.91 6.53
N ALA A 202 -31.27 4.80 5.20
CA ALA A 202 -32.56 4.66 4.56
C ALA A 202 -33.26 3.35 5.00
N ALA A 203 -32.52 2.25 4.98
CA ALA A 203 -33.04 0.96 5.47
C ALA A 203 -33.41 1.03 6.95
N LEU A 204 -32.52 1.56 7.78
CA LEU A 204 -32.76 1.65 9.21
C LEU A 204 -34.00 2.48 9.55
N ALA A 205 -34.15 3.62 8.88
CA ALA A 205 -35.32 4.49 9.00
C ALA A 205 -36.62 3.89 8.44
N ALA A 206 -36.51 2.92 7.53
CA ALA A 206 -37.68 2.19 7.00
C ALA A 206 -38.02 0.92 7.84
N GLY A 207 -37.26 0.70 8.91
CA GLY A 207 -37.60 -0.38 9.86
C GLY A 207 -36.67 -1.58 9.87
N ALA A 208 -35.71 -1.62 8.95
CA ALA A 208 -34.68 -2.65 8.99
C ALA A 208 -33.82 -2.51 10.24
N THR A 209 -33.20 -3.59 10.63
CA THR A 209 -32.34 -3.60 11.81
C THR A 209 -30.94 -4.11 11.45
N GLU A 210 -29.98 -3.85 12.33
CA GLU A 210 -28.60 -4.34 12.24
C GLU A 210 -28.52 -5.86 12.04
N THR A 211 -29.65 -6.52 12.29
CA THR A 211 -29.71 -7.96 12.27
C THR A 211 -30.29 -8.52 10.96
N GLU A 212 -30.90 -7.63 10.17
CA GLU A 212 -31.35 -7.92 8.80
C GLU A 212 -30.37 -8.84 8.02
N GLN A 213 -30.91 -9.85 7.34
CA GLN A 213 -30.11 -10.81 6.59
C GLN A 213 -30.01 -10.49 5.11
N LEU A 214 -28.77 -10.29 4.67
CA LEU A 214 -28.51 -9.89 3.29
C LEU A 214 -27.61 -10.90 2.62
N THR A 215 -27.82 -11.13 1.33
CA THR A 215 -27.00 -12.03 0.54
C THR A 215 -25.51 -11.90 0.85
N ALA A 216 -24.84 -13.05 0.90
CA ALA A 216 -23.40 -13.10 1.08
C ALA A 216 -22.73 -13.41 -0.26
N ALA A 217 -23.56 -13.70 -1.26
CA ALA A 217 -23.13 -14.11 -2.60
C ALA A 217 -22.05 -13.20 -3.20
N PRO A 218 -21.07 -13.78 -3.93
CA PRO A 218 -19.97 -12.97 -4.44
C PRO A 218 -20.40 -12.09 -5.62
N THR A 219 -21.57 -12.41 -6.16
CA THR A 219 -22.05 -11.87 -7.41
C THR A 219 -23.54 -11.61 -7.23
N ILE A 220 -24.03 -10.57 -7.89
CA ILE A 220 -25.45 -10.25 -7.92
C ILE A 220 -25.83 -9.69 -9.29
N PRO A 221 -26.86 -10.27 -9.92
CA PRO A 221 -27.36 -9.66 -11.16
C PRO A 221 -28.09 -8.37 -10.85
N LEU A 222 -27.97 -7.39 -11.75
CA LEU A 222 -28.76 -6.17 -11.66
C LEU A 222 -30.09 -6.45 -12.35
N PRO A 223 -31.20 -5.92 -11.77
CA PRO A 223 -32.51 -6.14 -12.37
C PRO A 223 -32.57 -5.46 -13.73
N GLY A 224 -33.23 -6.12 -14.68
CA GLY A 224 -33.33 -5.61 -16.04
C GLY A 224 -32.02 -5.17 -16.68
N SER A 225 -31.00 -6.04 -16.60
CA SER A 225 -29.72 -5.82 -17.29
C SER A 225 -28.81 -7.06 -17.21
N THR A 226 -27.89 -7.15 -18.17
CA THR A 226 -26.89 -8.24 -18.19
C THR A 226 -25.74 -7.91 -17.22
N ALA A 227 -25.54 -6.62 -16.97
CA ALA A 227 -24.55 -6.14 -16.00
C ALA A 227 -24.66 -6.83 -14.64
N GLN A 228 -23.51 -7.03 -14.02
CA GLN A 228 -23.44 -7.67 -12.72
C GLN A 228 -22.52 -6.92 -11.80
N LEU A 229 -22.86 -6.93 -10.52
CA LEU A 229 -22.02 -6.35 -9.50
C LEU A 229 -21.44 -7.47 -8.66
N GLU A 230 -20.22 -7.27 -8.17
CA GLU A 230 -19.50 -8.30 -7.45
C GLU A 230 -18.95 -7.75 -6.14
N ASN A 231 -18.80 -8.62 -5.14
CA ASN A 231 -17.98 -8.30 -3.99
C ASN A 231 -16.52 -8.25 -4.41
N TYR A 232 -15.70 -7.54 -3.65
CA TYR A 232 -14.26 -7.61 -3.83
C TYR A 232 -13.69 -8.91 -3.22
N GLY A 233 -12.90 -9.66 -3.97
CA GLY A 233 -12.87 -9.64 -5.42
C GLY A 233 -13.40 -11.02 -5.80
N GLY A 234 -14.71 -11.09 -6.04
CA GLY A 234 -15.37 -12.34 -6.42
C GLY A 234 -15.56 -13.35 -5.28
N ALA A 235 -15.41 -12.88 -4.04
CA ALA A 235 -15.51 -13.76 -2.86
C ALA A 235 -16.80 -13.48 -2.06
N PRO A 236 -17.44 -14.55 -1.54
CA PRO A 236 -18.63 -14.31 -0.73
C PRO A 236 -18.32 -13.44 0.49
N CYS A 237 -19.34 -12.78 1.01
CA CYS A 237 -19.21 -11.98 2.23
C CYS A 237 -18.76 -12.82 3.42
N GLY A 238 -19.33 -14.02 3.55
CA GLY A 238 -18.86 -15.05 4.47
C GLY A 238 -19.24 -16.42 3.93
N ASP A 239 -19.11 -17.45 4.76
CA ASP A 239 -19.39 -18.84 4.34
C ASP A 239 -20.87 -19.26 4.45
N GLU A 240 -21.72 -18.33 4.90
CA GLU A 240 -23.16 -18.55 5.02
C GLU A 240 -23.84 -17.92 3.79
N PRO A 241 -25.08 -18.37 3.46
CA PRO A 241 -25.80 -17.78 2.32
C PRO A 241 -26.21 -16.31 2.51
N THR A 242 -26.31 -15.89 3.77
CA THR A 242 -26.71 -14.55 4.13
C THR A 242 -25.93 -14.15 5.36
N VAL A 243 -25.75 -12.83 5.51
CA VAL A 243 -25.06 -12.24 6.65
C VAL A 243 -25.92 -11.11 7.19
N SER A 244 -25.67 -10.71 8.43
CA SER A 244 -26.37 -9.58 9.00
C SER A 244 -25.93 -8.31 8.29
N LEU A 245 -26.80 -7.29 8.34
CA LEU A 245 -26.50 -5.97 7.82
C LEU A 245 -25.22 -5.48 8.48
N ARG A 246 -25.14 -5.60 9.81
CA ARG A 246 -23.96 -5.16 10.55
C ARG A 246 -22.69 -5.77 9.97
N GLU A 247 -22.67 -7.08 9.80
CA GLU A 247 -21.52 -7.78 9.24
C GLU A 247 -21.21 -7.28 7.83
N ALA A 248 -22.24 -7.14 7.00
CA ALA A 248 -22.08 -6.70 5.62
C ALA A 248 -21.48 -5.31 5.54
N PHE A 249 -21.72 -4.52 6.58
CA PHE A 249 -21.36 -3.12 6.62
C PHE A 249 -19.91 -2.99 7.03
N VAL A 250 -19.53 -3.74 8.07
CA VAL A 250 -18.16 -3.69 8.61
C VAL A 250 -17.18 -4.32 7.63
N LYS A 251 -17.63 -5.30 6.86
CA LYS A 251 -16.80 -5.89 5.83
C LYS A 251 -16.93 -5.12 4.50
N SER A 252 -17.96 -4.28 4.40
CA SER A 252 -18.25 -3.52 3.19
C SER A 252 -18.46 -4.46 2.02
N CYS A 253 -19.46 -5.31 2.16
CA CYS A 253 -19.83 -6.30 1.14
C CYS A 253 -20.80 -5.70 0.13
N ASN A 254 -20.36 -5.60 -1.12
CA ASN A 254 -21.14 -4.96 -2.17
C ASN A 254 -22.54 -5.52 -2.39
N THR A 255 -22.63 -6.82 -2.66
CA THR A 255 -23.89 -7.45 -3.05
C THR A 255 -24.97 -7.30 -1.98
N ALA A 256 -24.55 -7.36 -0.71
CA ALA A 256 -25.42 -7.12 0.43
C ALA A 256 -26.13 -5.76 0.35
N PHE A 257 -25.42 -4.74 -0.15
CA PHE A 257 -25.96 -3.38 -0.21
C PHE A 257 -26.69 -3.07 -1.50
N VAL A 258 -26.30 -3.75 -2.57
CA VAL A 258 -27.08 -3.73 -3.80
C VAL A 258 -28.49 -4.22 -3.49
N GLN A 259 -28.56 -5.39 -2.86
CA GLN A 259 -29.80 -6.00 -2.43
C GLN A 259 -30.57 -5.08 -1.50
N LEU A 260 -29.92 -4.64 -0.43
CA LEU A 260 -30.57 -3.79 0.56
C LEU A 260 -31.18 -2.52 -0.04
N GLY A 261 -30.40 -1.82 -0.88
CA GLY A 261 -30.88 -0.62 -1.58
C GLY A 261 -32.07 -0.86 -2.48
N ILE A 262 -32.05 -1.95 -3.24
CA ILE A 262 -33.18 -2.33 -4.07
C ILE A 262 -34.35 -2.77 -3.19
N ARG A 263 -34.03 -3.41 -2.07
CA ARG A 263 -35.04 -3.75 -1.09
C ARG A 263 -35.70 -2.44 -0.63
N THR A 264 -34.89 -1.54 -0.08
CA THR A 264 -35.38 -0.26 0.45
C THR A 264 -36.05 0.64 -0.62
N GLY A 265 -35.56 0.57 -1.85
CA GLY A 265 -36.23 1.26 -2.97
C GLY A 265 -35.77 2.68 -3.23
N ALA A 266 -35.94 3.13 -4.47
CA ALA A 266 -35.52 4.46 -4.96
C ALA A 266 -35.96 5.66 -4.11
N ASP A 267 -37.25 5.70 -3.75
CA ASP A 267 -37.83 6.85 -3.04
C ASP A 267 -37.22 7.05 -1.66
N ALA A 268 -37.03 5.96 -0.93
CA ALA A 268 -36.46 6.02 0.39
C ALA A 268 -34.98 6.44 0.36
N LEU A 269 -34.27 5.97 -0.69
CA LEU A 269 -32.87 6.37 -0.91
C LEU A 269 -32.71 7.83 -1.34
N ARG A 270 -33.55 8.29 -2.27
CA ARG A 270 -33.61 9.72 -2.64
C ARG A 270 -33.86 10.58 -1.42
N SER A 271 -34.83 10.16 -0.61
CA SER A 271 -35.26 10.94 0.54
C SER A 271 -34.16 11.07 1.60
N MET A 272 -33.47 9.96 1.87
CA MET A 272 -32.33 9.93 2.81
C MET A 272 -31.09 10.69 2.28
N ALA A 273 -30.89 10.69 0.96
CA ALA A 273 -29.81 11.47 0.35
C ALA A 273 -30.10 12.98 0.49
N ARG A 274 -31.34 13.39 0.18
CA ARG A 274 -31.81 14.76 0.42
C ARG A 274 -31.69 15.14 1.91
N ALA A 275 -32.08 14.21 2.80
CA ALA A 275 -32.03 14.46 4.24
C ALA A 275 -30.60 14.68 4.71
N PHE A 276 -29.64 14.08 4.00
CA PHE A 276 -28.21 14.30 4.24
C PHE A 276 -27.56 15.39 3.36
N GLY A 277 -28.36 16.30 2.82
CA GLY A 277 -27.80 17.47 2.11
C GLY A 277 -27.58 17.29 0.62
N LEU A 278 -27.79 16.09 0.10
CA LEU A 278 -27.57 15.87 -1.32
C LEU A 278 -28.72 16.48 -2.13
N ASP A 279 -28.39 17.06 -3.27
CA ASP A 279 -29.37 17.64 -4.19
C ASP A 279 -30.19 18.78 -3.61
N SER A 280 -29.59 19.54 -2.70
CA SER A 280 -30.08 20.88 -2.40
C SER A 280 -28.87 21.82 -2.41
N PRO A 281 -29.03 23.01 -3.04
CA PRO A 281 -27.90 23.91 -3.24
C PRO A 281 -27.25 24.27 -1.91
N PRO A 282 -25.94 23.98 -1.76
CA PRO A 282 -25.32 24.27 -0.48
C PRO A 282 -25.25 25.78 -0.21
N ARG A 283 -25.39 26.18 1.06
CA ARG A 283 -25.11 27.54 1.49
C ARG A 283 -23.64 27.89 1.26
N PRO A 284 -23.32 29.19 1.08
CA PRO A 284 -21.90 29.52 1.00
C PRO A 284 -21.26 29.44 2.38
N THR A 285 -19.93 29.27 2.40
CA THR A 285 -19.18 29.04 3.62
C THR A 285 -18.32 30.19 4.22
N PRO A 286 -18.19 31.37 3.55
CA PRO A 286 -18.81 32.02 2.37
C PRO A 286 -18.28 31.55 1.01
N LEU A 287 -17.37 30.59 1.01
CA LEU A 287 -16.91 30.00 -0.24
C LEU A 287 -18.01 29.10 -0.81
N GLN A 288 -18.18 29.18 -2.13
CA GLN A 288 -19.17 28.43 -2.84
C GLN A 288 -18.79 26.96 -2.98
N VAL A 289 -19.76 26.09 -2.64
CA VAL A 289 -19.58 24.65 -2.62
C VAL A 289 -20.36 24.06 -3.78
N ALA A 290 -19.73 23.20 -4.58
CA ALA A 290 -20.46 22.41 -5.58
C ALA A 290 -21.51 21.54 -4.88
N GLU A 291 -22.70 21.46 -5.49
CA GLU A 291 -23.81 20.66 -4.99
C GLU A 291 -23.51 19.20 -5.28
N SER A 292 -23.70 18.34 -4.27
CA SER A 292 -23.53 16.89 -4.47
C SER A 292 -24.88 16.30 -4.88
N THR A 293 -24.86 15.11 -5.47
CA THR A 293 -26.09 14.52 -6.00
C THR A 293 -26.15 13.00 -5.83
N VAL A 294 -27.37 12.48 -5.78
CA VAL A 294 -27.58 11.04 -5.71
C VAL A 294 -27.82 10.53 -7.12
N GLY A 295 -28.22 11.44 -8.01
CA GLY A 295 -28.53 11.09 -9.39
C GLY A 295 -30.01 10.84 -9.61
N PRO A 296 -30.43 10.79 -10.88
CA PRO A 296 -31.86 10.59 -11.16
C PRO A 296 -32.38 9.21 -10.71
N ILE A 297 -31.50 8.21 -10.72
CA ILE A 297 -31.85 6.81 -10.44
C ILE A 297 -33.04 6.42 -11.33
N PRO A 298 -32.82 6.32 -12.65
CA PRO A 298 -33.91 6.08 -13.62
C PRO A 298 -34.60 4.71 -13.51
N ASP A 299 -33.83 3.66 -13.21
CA ASP A 299 -34.34 2.29 -13.10
C ASP A 299 -33.69 1.52 -11.94
N SER A 300 -34.06 0.25 -11.78
CA SER A 300 -33.55 -0.54 -10.67
C SER A 300 -32.11 -0.99 -10.80
N ALA A 301 -31.65 -1.24 -12.03
CA ALA A 301 -30.22 -1.42 -12.28
C ALA A 301 -29.47 -0.27 -11.61
N ALA A 302 -29.86 0.97 -11.94
CA ALA A 302 -29.23 2.18 -11.41
C ALA A 302 -29.26 2.27 -9.89
N LEU A 303 -30.41 1.93 -9.28
CA LEU A 303 -30.54 1.81 -7.81
C LEU A 303 -29.53 0.84 -7.21
N GLY A 304 -29.36 -0.31 -7.87
CA GLY A 304 -28.35 -1.29 -7.47
C GLY A 304 -26.99 -0.65 -7.31
N MET A 305 -26.57 0.04 -8.37
CA MET A 305 -25.28 0.74 -8.43
C MET A 305 -25.20 1.95 -7.51
N THR A 306 -26.33 2.65 -7.37
CA THR A 306 -26.43 3.80 -6.47
C THR A 306 -26.19 3.40 -5.02
N SER A 307 -26.75 2.25 -4.61
CA SER A 307 -26.68 1.80 -3.19
C SER A 307 -25.25 1.61 -2.68
N ILE A 308 -24.33 1.31 -3.62
CA ILE A 308 -22.91 1.14 -3.30
C ILE A 308 -22.05 2.38 -3.72
N GLY A 309 -22.71 3.49 -4.00
CA GLY A 309 -22.04 4.77 -4.24
C GLY A 309 -21.46 4.98 -5.63
N GLN A 310 -22.07 4.36 -6.63
CA GLN A 310 -21.62 4.52 -8.00
C GLN A 310 -22.71 5.14 -8.87
N LYS A 311 -22.85 4.66 -10.10
CA LYS A 311 -23.76 5.27 -11.06
C LYS A 311 -23.54 6.80 -11.00
N ASP A 312 -24.59 7.58 -10.73
CA ASP A 312 -24.51 9.02 -10.85
C ASP A 312 -24.38 9.73 -9.51
N VAL A 313 -24.02 9.01 -8.46
CA VAL A 313 -23.70 9.64 -7.17
C VAL A 313 -22.36 10.38 -7.21
N ALA A 314 -22.37 11.62 -6.73
CA ALA A 314 -21.22 12.49 -6.81
C ALA A 314 -21.21 13.37 -5.58
N LEU A 315 -20.15 13.26 -4.78
CA LEU A 315 -20.01 14.07 -3.58
C LEU A 315 -18.73 14.91 -3.60
N THR A 316 -18.83 16.12 -3.08
CA THR A 316 -17.67 16.87 -2.68
C THR A 316 -17.11 16.21 -1.40
N PRO A 317 -15.79 16.29 -1.20
CA PRO A 317 -15.25 15.90 0.10
C PRO A 317 -15.97 16.53 1.27
N LEU A 318 -16.32 17.81 1.17
CA LEU A 318 -17.01 18.51 2.25
C LEU A 318 -18.36 17.85 2.58
N ALA A 319 -19.14 17.52 1.54
CA ALA A 319 -20.45 16.86 1.76
C ALA A 319 -20.27 15.50 2.45
N ASN A 320 -19.25 14.75 2.06
CA ASN A 320 -19.00 13.46 2.68
C ASN A 320 -18.56 13.60 4.14
N ALA A 321 -17.79 14.63 4.47
CA ALA A 321 -17.46 14.93 5.86
C ALA A 321 -18.68 15.40 6.68
N GLU A 322 -19.63 16.07 6.02
CA GLU A 322 -20.90 16.47 6.65
C GLU A 322 -21.82 15.30 7.00
N ILE A 323 -21.78 14.24 6.18
CA ILE A 323 -22.48 13.00 6.51
C ILE A 323 -21.89 12.46 7.81
N ALA A 324 -20.57 12.44 7.91
CA ALA A 324 -19.93 11.98 9.14
C ALA A 324 -20.23 12.91 10.33
N ALA A 325 -20.20 14.22 10.10
CA ALA A 325 -20.46 15.19 11.18
C ALA A 325 -21.90 15.16 11.69
N THR A 326 -22.82 14.92 10.77
CA THR A 326 -24.24 14.77 11.08
C THR A 326 -24.49 13.58 12.04
N ILE A 327 -24.03 12.38 11.66
CA ILE A 327 -24.14 11.18 12.49
C ILE A 327 -23.47 11.37 13.85
N ALA A 328 -22.31 12.02 13.83
CA ALA A 328 -21.54 12.32 15.04
C ALA A 328 -22.31 13.30 15.92
N ASN A 329 -23.17 14.09 15.30
CA ASN A 329 -23.94 15.08 16.03
C ASN A 329 -25.37 14.61 16.30
N GLY A 330 -25.55 13.30 16.42
CA GLY A 330 -26.85 12.73 16.82
C GLY A 330 -27.91 12.87 15.73
N GLY A 331 -27.46 12.98 14.48
CA GLY A 331 -28.34 13.11 13.34
C GLY A 331 -28.65 14.53 12.88
N ILE A 332 -28.03 15.50 13.56
CA ILE A 332 -28.23 16.93 13.26
C ILE A 332 -27.05 17.58 12.50
N THR A 333 -27.36 18.10 11.31
CA THR A 333 -26.42 18.75 10.43
C THR A 333 -26.30 20.22 10.83
N MET A 334 -25.10 20.63 11.22
CA MET A 334 -24.80 22.04 11.43
C MET A 334 -24.31 22.61 10.11
N ARG A 335 -24.69 23.84 9.83
CA ARG A 335 -24.31 24.53 8.63
C ARG A 335 -22.81 24.82 8.70
N PRO A 336 -22.03 24.28 7.74
CA PRO A 336 -20.59 24.49 7.79
C PRO A 336 -20.18 25.93 7.45
N TYR A 337 -19.21 26.46 8.19
CA TYR A 337 -18.71 27.79 7.94
C TYR A 337 -17.22 27.87 8.17
N LEU A 338 -16.59 28.73 7.38
CA LEU A 338 -15.15 28.91 7.36
C LEU A 338 -14.67 30.15 8.12
N VAL A 339 -15.59 31.12 8.31
CA VAL A 339 -15.26 32.39 8.98
C VAL A 339 -15.85 32.47 10.38
N GLY A 340 -14.97 32.47 11.39
CA GLY A 340 -15.39 32.58 12.79
C GLY A 340 -15.87 33.99 13.12
N SER A 341 -15.05 34.99 12.76
CA SER A 341 -15.42 36.39 12.95
C SER A 341 -14.74 37.32 11.96
N LEU A 342 -15.37 38.49 11.76
CA LEU A 342 -14.78 39.61 11.05
C LEU A 342 -14.45 40.69 12.06
N LYS A 343 -13.27 41.28 11.94
CA LYS A 343 -12.81 42.29 12.89
C LYS A 343 -12.45 43.57 12.15
N GLY A 344 -12.33 44.65 12.90
CA GLY A 344 -11.79 45.92 12.40
C GLY A 344 -10.30 45.97 12.68
N PRO A 345 -9.61 47.00 12.18
CA PRO A 345 -8.15 47.10 12.33
C PRO A 345 -7.72 47.11 13.79
N ASP A 346 -8.49 47.80 14.63
CA ASP A 346 -8.26 47.85 16.07
C ASP A 346 -8.61 46.52 16.78
N LEU A 347 -8.83 45.47 15.99
CA LEU A 347 -9.30 44.14 16.46
C LEU A 347 -10.71 44.16 17.05
N ALA A 348 -11.42 45.27 16.90
CA ALA A 348 -12.79 45.36 17.39
C ALA A 348 -13.65 44.43 16.56
N ASN A 349 -14.53 43.70 17.24
CA ASN A 349 -15.41 42.76 16.57
C ASN A 349 -16.41 43.48 15.65
N ILE A 350 -16.80 42.82 14.58
CA ILE A 350 -17.74 43.37 13.62
C ILE A 350 -18.81 42.33 13.29
N SER A 351 -18.41 41.07 13.32
CA SER A 351 -19.32 39.99 13.01
C SER A 351 -18.82 38.69 13.61
N THR A 352 -19.64 38.10 14.46
CA THR A 352 -19.37 36.79 15.02
C THR A 352 -20.36 35.84 14.37
N THR A 353 -19.85 34.84 13.64
CA THR A 353 -20.72 33.81 13.07
C THR A 353 -21.21 32.91 14.20
N VAL A 354 -22.47 32.53 14.11
CA VAL A 354 -23.04 31.66 15.13
C VAL A 354 -23.60 30.38 14.48
N ARG A 355 -23.39 29.26 15.16
CA ARG A 355 -23.86 27.96 14.70
C ARG A 355 -25.37 27.94 14.47
N TYR A 356 -25.81 27.25 13.43
CA TYR A 356 -27.24 26.95 13.27
C TYR A 356 -27.51 25.59 12.64
N GLN A 357 -28.61 24.96 13.06
CA GLN A 357 -28.93 23.59 12.66
C GLN A 357 -29.69 23.59 11.35
N GLN A 358 -28.99 23.18 10.30
CA GLN A 358 -29.55 23.19 8.97
C GLN A 358 -30.79 22.29 8.93
N ARG A 359 -30.67 21.09 9.51
CA ARG A 359 -31.74 20.10 9.54
C ARG A 359 -31.39 18.84 10.35
N ARG A 360 -32.38 17.98 10.50
CA ARG A 360 -32.20 16.64 11.06
C ARG A 360 -32.27 15.63 9.92
N ALA A 361 -31.14 14.92 9.70
CA ALA A 361 -31.04 13.90 8.66
C ALA A 361 -31.67 12.57 9.11
N VAL A 362 -31.27 12.11 10.29
CA VAL A 362 -31.75 10.87 10.86
C VAL A 362 -32.15 11.14 12.30
N SER A 363 -32.92 10.22 12.88
CA SER A 363 -33.30 10.32 14.28
C SER A 363 -32.06 10.09 15.15
N PRO A 364 -32.12 10.45 16.45
CA PRO A 364 -30.99 10.14 17.33
C PRO A 364 -30.70 8.63 17.41
N GLN A 365 -31.76 7.84 17.32
CA GLN A 365 -31.65 6.38 17.41
C GLN A 365 -30.89 5.82 16.20
N VAL A 366 -31.27 6.27 15.01
CA VAL A 366 -30.62 5.84 13.78
C VAL A 366 -29.15 6.30 13.74
N ALA A 367 -28.87 7.52 14.19
CA ALA A 367 -27.49 8.03 14.25
C ALA A 367 -26.63 7.18 15.17
N ALA A 368 -27.24 6.72 16.25
CA ALA A 368 -26.58 5.85 17.22
C ALA A 368 -26.28 4.51 16.62
N LYS A 369 -27.20 3.99 15.79
CA LYS A 369 -27.00 2.69 15.11
C LYS A 369 -25.92 2.78 14.05
N LEU A 370 -25.87 3.91 13.34
CA LEU A 370 -24.84 4.15 12.35
C LEU A 370 -23.47 4.35 13.00
N THR A 371 -23.44 5.04 14.14
CA THR A 371 -22.22 5.20 14.92
C THR A 371 -21.57 3.88 15.27
N GLU A 372 -22.39 2.94 15.76
CA GLU A 372 -21.99 1.60 16.17
C GLU A 372 -21.50 0.80 14.98
N LEU A 373 -22.18 0.95 13.85
CA LEU A 373 -21.79 0.23 12.62
C LEU A 373 -20.45 0.72 12.10
N MET A 374 -20.22 2.02 12.23
CA MET A 374 -18.98 2.66 11.81
C MET A 374 -17.86 2.40 12.81
N VAL A 375 -18.17 2.37 14.10
CA VAL A 375 -17.17 1.96 15.09
C VAL A 375 -16.65 0.57 14.73
N GLY A 376 -17.57 -0.30 14.31
CA GLY A 376 -17.26 -1.65 13.90
C GLY A 376 -16.58 -1.76 12.56
N ALA A 377 -16.97 -0.91 11.59
CA ALA A 377 -16.28 -0.83 10.30
C ALA A 377 -14.85 -0.34 10.47
N GLU A 378 -14.62 0.55 11.43
CA GLU A 378 -13.26 1.01 11.74
C GLU A 378 -12.39 -0.12 12.32
N LYS A 379 -12.99 -0.99 13.12
CA LYS A 379 -12.28 -2.12 13.69
C LYS A 379 -11.82 -3.15 12.65
N VAL A 380 -12.60 -3.33 11.58
CA VAL A 380 -12.26 -4.30 10.53
C VAL A 380 -11.13 -3.76 9.65
N ALA A 381 -11.20 -2.46 9.33
CA ALA A 381 -10.20 -1.76 8.53
C ALA A 381 -8.80 -1.92 9.12
N GLN A 382 -7.77 -1.67 8.30
CA GLN A 382 -6.38 -1.73 8.75
C GLN A 382 -6.08 -0.63 9.77
N GLN A 383 -5.27 -0.93 10.78
CA GLN A 383 -5.06 0.01 11.89
C GLN A 383 -3.83 0.91 11.76
N LYS A 384 -3.35 1.10 10.54
CA LYS A 384 -2.23 2.02 10.30
C LYS A 384 -2.73 3.44 10.62
N GLY A 385 -2.13 4.02 11.65
CA GLY A 385 -2.46 5.37 12.13
C GLY A 385 -3.39 5.37 13.34
N ALA A 386 -3.75 4.18 13.83
CA ALA A 386 -4.68 4.06 14.95
C ALA A 386 -4.13 4.74 16.20
N ILE A 387 -4.97 5.58 16.82
CA ILE A 387 -4.58 6.37 17.98
C ILE A 387 -4.85 5.59 19.27
N PRO A 388 -3.81 5.42 20.13
CA PRO A 388 -4.01 4.61 21.34
C PRO A 388 -5.21 5.09 22.15
N GLY A 389 -6.12 4.16 22.45
CA GLY A 389 -7.31 4.47 23.25
C GLY A 389 -8.19 5.59 22.73
N VAL A 390 -8.37 5.65 21.41
CA VAL A 390 -9.39 6.53 20.82
C VAL A 390 -10.31 5.73 19.92
N GLN A 391 -11.59 5.70 20.28
CA GLN A 391 -12.57 4.99 19.48
C GLN A 391 -13.01 5.87 18.30
N ILE A 392 -12.54 5.50 17.11
CA ILE A 392 -12.94 6.15 15.88
C ILE A 392 -14.11 5.40 15.23
N ALA A 393 -15.12 6.16 14.78
CA ALA A 393 -16.16 5.61 13.92
C ALA A 393 -15.84 6.00 12.49
N SER A 394 -15.83 5.03 11.59
CA SER A 394 -15.45 5.30 10.22
C SER A 394 -16.14 4.42 9.20
N LYS A 395 -16.06 4.87 7.96
CA LYS A 395 -16.38 4.05 6.82
C LYS A 395 -15.39 4.39 5.73
N THR A 396 -14.82 3.33 5.14
CA THR A 396 -13.94 3.47 4.00
C THR A 396 -14.74 3.27 2.72
N GLY A 397 -14.11 3.61 1.61
CA GLY A 397 -14.70 3.48 0.31
C GLY A 397 -13.59 3.58 -0.72
N THR A 398 -13.75 2.80 -1.77
CA THR A 398 -12.89 2.91 -2.90
C THR A 398 -13.78 2.86 -4.13
N ALA A 399 -13.75 3.98 -4.87
CA ALA A 399 -14.74 4.30 -5.89
C ALA A 399 -14.18 4.36 -7.30
N GLU A 400 -14.81 3.60 -8.18
CA GLU A 400 -14.54 3.63 -9.62
C GLU A 400 -15.07 4.93 -10.24
N HIS A 401 -14.46 5.35 -11.35
CA HIS A 401 -14.80 6.59 -12.02
C HIS A 401 -14.31 6.58 -13.47
N GLY A 402 -14.75 7.56 -14.25
CA GLY A 402 -14.30 7.70 -15.62
C GLY A 402 -15.00 6.76 -16.57
N THR A 403 -14.61 6.82 -17.85
CA THR A 403 -15.22 6.01 -18.91
C THR A 403 -14.74 4.55 -18.90
N ASP A 404 -13.59 4.34 -18.28
CA ASP A 404 -12.96 3.02 -18.22
C ASP A 404 -12.73 2.61 -16.76
N PRO A 405 -13.83 2.43 -15.99
CA PRO A 405 -13.76 2.36 -14.53
C PRO A 405 -12.89 1.24 -13.98
N ARG A 406 -12.91 0.08 -14.64
CA ARG A 406 -12.26 -1.13 -14.12
C ARG A 406 -10.74 -1.10 -14.36
N HIS A 407 -10.33 -0.24 -15.28
CA HIS A 407 -8.94 -0.14 -15.70
C HIS A 407 -8.26 1.14 -15.20
N THR A 408 -9.02 1.94 -14.44
CA THR A 408 -8.54 3.22 -13.91
C THR A 408 -8.32 3.09 -12.41
N PRO A 409 -7.21 3.66 -11.88
CA PRO A 409 -7.07 3.72 -10.42
C PRO A 409 -8.29 4.38 -9.72
N PRO A 410 -8.93 3.66 -8.77
CA PRO A 410 -10.11 4.23 -8.10
C PRO A 410 -9.77 5.34 -7.12
N HIS A 411 -10.77 6.14 -6.74
CA HIS A 411 -10.59 7.12 -5.67
C HIS A 411 -10.62 6.39 -4.34
N ALA A 412 -9.73 6.77 -3.42
CA ALA A 412 -9.71 6.24 -2.07
C ALA A 412 -10.40 7.21 -1.13
N TRP A 413 -11.40 6.72 -0.39
CA TRP A 413 -12.23 7.55 0.50
C TRP A 413 -12.15 7.06 1.95
N TYR A 414 -12.30 7.97 2.88
CA TYR A 414 -12.38 7.66 4.31
C TYR A 414 -13.14 8.76 5.01
N ILE A 415 -14.25 8.40 5.65
CA ILE A 415 -15.05 9.37 6.46
C ILE A 415 -15.15 8.83 7.86
N ALA A 416 -14.93 9.69 8.84
CA ALA A 416 -14.75 9.22 10.19
C ALA A 416 -15.20 10.29 11.14
N PHE A 417 -15.41 9.89 12.39
CA PHE A 417 -15.51 10.86 13.46
C PHE A 417 -14.95 10.26 14.75
N ALA A 418 -14.68 11.10 15.75
CA ALA A 418 -13.93 10.69 16.93
C ALA A 418 -13.94 11.75 18.02
N PRO A 419 -13.93 11.33 19.30
CA PRO A 419 -14.18 9.94 19.72
C PRO A 419 -15.66 9.60 19.46
N ALA A 420 -15.93 8.41 18.92
CA ALA A 420 -17.29 7.99 18.55
C ALA A 420 -18.32 8.13 19.69
N GLN A 421 -17.82 8.07 20.92
CA GLN A 421 -18.61 8.20 22.14
C GLN A 421 -19.18 9.62 22.31
N ALA A 422 -18.30 10.62 22.17
CA ALA A 422 -18.68 12.03 22.27
C ALA A 422 -17.78 12.82 21.30
N PRO A 423 -18.18 12.89 20.02
CA PRO A 423 -17.28 13.30 18.92
C PRO A 423 -16.87 14.77 18.94
N LYS A 424 -15.59 15.03 18.69
CA LYS A 424 -15.05 16.39 18.70
C LYS A 424 -14.65 16.82 17.30
N VAL A 425 -14.52 15.84 16.41
CA VAL A 425 -14.05 16.04 15.04
C VAL A 425 -14.60 14.99 14.07
N ALA A 426 -14.92 15.44 12.85
CA ALA A 426 -15.30 14.56 11.72
C ALA A 426 -14.41 14.89 10.51
N VAL A 427 -13.97 13.87 9.79
CA VAL A 427 -13.14 14.11 8.63
C VAL A 427 -13.67 13.38 7.40
N ALA A 428 -13.36 13.92 6.23
CA ALA A 428 -13.38 13.17 5.00
C ALA A 428 -12.01 13.33 4.34
N VAL A 429 -11.46 12.21 3.85
CA VAL A 429 -10.23 12.19 3.07
C VAL A 429 -10.59 11.58 1.72
N LEU A 430 -10.31 12.33 0.67
CA LEU A 430 -10.42 11.85 -0.69
C LEU A 430 -9.01 11.83 -1.28
N VAL A 431 -8.53 10.65 -1.65
CA VAL A 431 -7.29 10.56 -2.38
C VAL A 431 -7.72 10.28 -3.80
N GLU A 432 -7.57 11.31 -4.63
CA GLU A 432 -8.07 11.30 -5.99
C GLU A 432 -7.18 10.42 -6.86
N ASN A 433 -7.81 9.50 -7.60
CA ASN A 433 -7.09 8.52 -8.41
C ASN A 433 -6.14 7.65 -7.60
N GLY A 434 -6.41 7.56 -6.29
CA GLY A 434 -5.71 6.68 -5.36
C GLY A 434 -4.22 6.45 -5.59
N ALA A 435 -3.44 7.53 -5.45
CA ALA A 435 -1.97 7.49 -5.56
C ALA A 435 -1.51 7.09 -6.96
N ASP A 436 -2.43 7.20 -7.93
CA ASP A 436 -2.30 6.63 -9.28
C ASP A 436 -1.97 5.13 -9.34
N ARG A 437 -2.43 4.41 -8.32
CA ARG A 437 -2.26 2.99 -8.18
C ARG A 437 -3.62 2.29 -8.39
N LEU A 438 -3.62 1.20 -9.15
CA LEU A 438 -4.87 0.51 -9.40
C LEU A 438 -5.34 -0.39 -8.24
N SER A 439 -4.42 -0.75 -7.35
CA SER A 439 -4.73 -1.52 -6.13
C SER A 439 -5.22 -0.63 -4.99
N ALA A 440 -5.26 0.68 -5.23
CA ALA A 440 -5.68 1.65 -4.23
C ALA A 440 -7.00 1.26 -3.58
N THR A 441 -7.06 1.41 -2.25
CA THR A 441 -8.29 1.29 -1.49
C THR A 441 -8.32 2.37 -0.40
N GLY A 442 -9.52 2.75 0.03
CA GLY A 442 -9.68 3.75 1.09
C GLY A 442 -8.97 3.41 2.38
N GLY A 443 -8.94 2.11 2.70
CA GLY A 443 -8.30 1.60 3.91
C GLY A 443 -6.79 1.72 3.84
N ALA A 444 -6.23 1.31 2.69
CA ALA A 444 -4.80 1.45 2.42
C ALA A 444 -4.34 2.91 2.45
N LEU A 445 -4.91 3.73 1.57
CA LEU A 445 -4.43 5.12 1.43
C LEU A 445 -5.12 6.15 2.32
N ALA A 446 -6.45 6.24 2.22
CA ALA A 446 -7.18 7.37 2.79
C ALA A 446 -7.32 7.33 4.31
N ALA A 447 -7.36 6.12 4.87
CA ALA A 447 -7.60 5.94 6.32
C ALA A 447 -6.50 6.47 7.24
N PRO A 448 -5.21 6.13 6.98
CA PRO A 448 -4.11 6.61 7.83
C PRO A 448 -3.99 8.13 7.76
N ILE A 449 -4.21 8.69 6.58
CA ILE A 449 -4.32 10.13 6.38
C ILE A 449 -5.43 10.66 7.26
N GLY A 450 -6.59 10.02 7.17
CA GLY A 450 -7.73 10.41 8.00
C GLY A 450 -7.41 10.34 9.48
N ARG A 451 -6.74 9.26 9.88
CA ARG A 451 -6.41 9.04 11.29
C ARG A 451 -5.42 10.05 11.84
N ALA A 452 -4.49 10.49 10.98
CA ALA A 452 -3.49 11.51 11.35
C ALA A 452 -4.15 12.85 11.65
N VAL A 453 -5.13 13.21 10.83
CA VAL A 453 -5.92 14.43 11.02
C VAL A 453 -6.72 14.36 12.31
N ILE A 454 -7.44 13.26 12.54
CA ILE A 454 -8.13 13.01 13.81
C ILE A 454 -7.15 13.10 14.98
N GLU A 455 -5.97 12.49 14.85
CA GLU A 455 -4.94 12.61 15.90
C GLU A 455 -4.47 14.05 16.16
N ALA A 456 -4.32 14.86 15.11
CA ALA A 456 -3.98 16.28 15.27
C ALA A 456 -5.12 17.06 15.94
N ALA A 457 -6.35 16.62 15.68
CA ALA A 457 -7.54 17.27 16.24
C ALA A 457 -7.70 17.05 17.74
N LEU A 458 -7.29 15.88 18.23
CA LEU A 458 -7.57 15.50 19.62
C LEU A 458 -6.45 15.80 20.63
N GLN A 459 -5.38 16.44 20.18
CA GLN A 459 -4.33 16.95 21.08
C GLN A 459 -4.84 18.13 21.92
N ARG B 21 7.50 -46.21 19.88
CA ARG B 21 8.82 -45.71 19.33
C ARG B 21 8.79 -44.19 19.08
N GLN B 22 9.46 -43.44 19.95
CA GLN B 22 9.48 -41.98 19.90
C GLN B 22 10.28 -41.43 18.71
N ARG B 23 9.58 -40.70 17.85
CA ARG B 23 10.16 -40.02 16.71
C ARG B 23 11.10 -38.92 17.17
N GLY B 24 12.25 -38.79 16.49
CA GLY B 24 13.25 -37.79 16.83
C GLY B 24 12.85 -36.38 16.42
N GLN B 25 13.64 -35.41 16.83
CA GLN B 25 13.28 -34.00 16.67
C GLN B 25 13.91 -33.34 15.44
N ILE B 26 13.20 -32.37 14.87
CA ILE B 26 13.79 -31.47 13.88
C ILE B 26 14.09 -30.17 14.61
N THR B 27 15.35 -29.75 14.58
CA THR B 27 15.80 -28.59 15.32
C THR B 27 16.38 -27.48 14.40
N ALA B 28 16.53 -26.29 14.97
CA ALA B 28 17.09 -25.12 14.29
C ALA B 28 17.54 -24.16 15.38
N GLY B 29 18.83 -23.87 15.42
CA GLY B 29 19.39 -22.95 16.41
C GLY B 29 19.30 -23.47 17.84
N GLY B 30 19.25 -24.80 18.00
CA GLY B 30 19.05 -25.41 19.31
C GLY B 30 17.61 -25.31 19.82
N GLN B 31 16.72 -24.83 18.96
CA GLN B 31 15.29 -24.80 19.24
C GLN B 31 14.54 -25.89 18.46
N LEU B 32 13.44 -26.37 19.04
CA LEU B 32 12.65 -27.44 18.44
C LEU B 32 11.68 -26.96 17.38
N LEU B 33 11.69 -27.61 16.22
CA LEU B 33 10.74 -27.25 15.16
C LEU B 33 9.64 -28.30 15.03
N ALA B 34 9.99 -29.53 15.37
CA ALA B 34 9.06 -30.64 15.42
C ALA B 34 9.60 -31.64 16.44
N TYR B 35 8.70 -32.22 17.23
CA TYR B 35 9.06 -33.21 18.23
C TYR B 35 7.84 -34.03 18.60
N SER B 36 8.05 -35.15 19.29
CA SER B 36 6.98 -36.05 19.70
C SER B 36 6.84 -36.11 21.22
N VAL B 37 5.62 -36.00 21.72
CA VAL B 37 5.35 -36.13 23.15
C VAL B 37 4.64 -37.46 23.43
N ALA B 38 5.14 -38.17 24.45
CA ALA B 38 4.49 -39.35 25.00
C ALA B 38 3.17 -38.96 25.67
N THR B 39 2.08 -39.58 25.21
CA THR B 39 0.74 -39.33 25.73
C THR B 39 0.10 -40.66 26.22
N ASP B 40 -1.16 -40.59 26.64
CA ASP B 40 -1.88 -41.76 27.15
C ASP B 40 -2.74 -42.37 26.05
N GLY B 41 -2.54 -41.92 24.82
CA GLY B 41 -3.39 -42.32 23.71
C GLY B 41 -3.07 -43.68 23.16
N ARG B 42 -3.99 -44.18 22.33
CA ARG B 42 -3.83 -45.42 21.57
C ARG B 42 -2.52 -45.39 20.78
N PHE B 43 -2.28 -44.28 20.07
CA PHE B 43 -0.98 -44.02 19.51
C PHE B 43 -0.27 -43.16 20.56
N ARG B 44 0.73 -43.74 21.20
CA ARG B 44 1.47 -43.09 22.29
C ARG B 44 1.98 -41.64 21.99
N PHE B 45 2.54 -41.40 20.82
CA PHE B 45 3.28 -40.16 20.59
C PHE B 45 2.54 -39.20 19.69
N LEU B 46 2.37 -37.98 20.16
CA LEU B 46 1.81 -36.95 19.31
C LEU B 46 2.96 -36.11 18.73
N ARG B 47 2.94 -35.91 17.42
CA ARG B 47 3.85 -34.99 16.76
C ARG B 47 3.39 -33.55 17.01
N VAL B 48 4.30 -32.74 17.57
CA VAL B 48 4.04 -31.37 17.94
C VAL B 48 4.95 -30.42 17.14
N TYR B 49 4.35 -29.36 16.61
CA TYR B 49 5.10 -28.30 15.92
C TYR B 49 4.86 -27.01 16.64
N PRO B 50 5.84 -26.56 17.46
CA PRO B 50 5.62 -25.42 18.35
C PRO B 50 5.38 -24.09 17.64
N ASN B 51 5.97 -23.90 16.47
CA ASN B 51 5.76 -22.70 15.66
C ASN B 51 5.30 -23.10 14.26
N PRO B 52 4.06 -23.59 14.16
CA PRO B 52 3.61 -24.39 13.02
C PRO B 52 3.75 -23.70 11.65
N GLU B 53 3.08 -22.57 11.46
CA GLU B 53 3.02 -21.94 10.15
C GLU B 53 4.37 -21.38 9.70
N VAL B 54 5.13 -20.82 10.64
CA VAL B 54 6.46 -20.29 10.37
C VAL B 54 7.42 -21.33 9.75
N TYR B 55 7.37 -22.57 10.26
CA TYR B 55 8.34 -23.61 9.89
C TYR B 55 7.80 -24.75 9.06
N ALA B 56 6.53 -24.68 8.68
CA ALA B 56 5.93 -25.74 7.87
C ALA B 56 6.70 -26.07 6.56
N PRO B 57 7.24 -25.03 5.85
CA PRO B 57 8.04 -25.29 4.64
C PRO B 57 9.30 -26.11 4.89
N VAL B 58 9.82 -26.05 6.12
CA VAL B 58 10.98 -26.82 6.55
C VAL B 58 10.56 -28.20 7.11
N THR B 59 9.72 -28.19 8.14
CA THR B 59 9.30 -29.41 8.82
C THR B 59 8.42 -30.29 7.91
N GLY B 60 7.51 -29.66 7.19
CA GLY B 60 6.38 -30.36 6.60
C GLY B 60 5.56 -30.91 7.76
N PHE B 61 4.86 -32.02 7.51
CA PHE B 61 4.03 -32.63 8.52
C PHE B 61 4.25 -34.13 8.59
N TYR B 62 3.95 -34.70 9.74
CA TYR B 62 3.94 -36.14 9.92
C TYR B 62 2.52 -36.55 10.35
N SER B 63 1.86 -37.36 9.52
CA SER B 63 0.44 -37.68 9.69
C SER B 63 0.14 -39.17 9.76
N LEU B 64 -0.83 -39.56 10.60
CA LEU B 64 -1.30 -40.94 10.61
C LEU B 64 -1.99 -41.29 9.30
N ARG B 65 -2.86 -40.39 8.83
CA ARG B 65 -3.65 -40.65 7.62
C ARG B 65 -2.98 -40.22 6.32
N TYR B 66 -2.19 -39.15 6.36
CA TYR B 66 -1.72 -38.48 5.14
C TYR B 66 -0.21 -38.50 4.91
N SER B 67 0.50 -39.41 5.57
CA SER B 67 1.91 -39.65 5.29
C SER B 67 2.74 -38.44 5.74
N SER B 68 3.77 -38.08 5.00
CA SER B 68 4.68 -37.02 5.43
C SER B 68 5.17 -36.12 4.26
N THR B 69 5.65 -34.92 4.60
CA THR B 69 6.15 -33.99 3.61
C THR B 69 7.43 -33.38 4.11
N ALA B 70 8.13 -32.67 3.22
CA ALA B 70 9.33 -31.91 3.55
C ALA B 70 10.34 -32.73 4.35
N LEU B 71 10.92 -32.16 5.40
CA LEU B 71 11.96 -32.86 6.15
C LEU B 71 11.47 -34.08 6.92
N GLU B 72 10.18 -34.08 7.33
CA GLU B 72 9.57 -35.26 7.95
C GLU B 72 9.63 -36.40 6.95
N ARG B 73 9.41 -36.09 5.68
CA ARG B 73 9.41 -37.09 4.65
C ARG B 73 10.86 -37.46 4.32
N ALA B 74 11.62 -36.45 3.90
CA ALA B 74 13.00 -36.63 3.46
C ALA B 74 13.91 -37.31 4.49
N GLU B 75 13.69 -37.04 5.77
CA GLU B 75 14.59 -37.52 6.82
C GLU B 75 13.90 -38.55 7.71
N ASP B 76 12.86 -39.17 7.18
CA ASP B 76 12.02 -40.10 7.94
C ASP B 76 12.83 -41.27 8.55
N PRO B 77 13.75 -41.90 7.78
CA PRO B 77 14.54 -43.00 8.35
C PRO B 77 15.33 -42.62 9.59
N ILE B 78 15.86 -41.40 9.63
CA ILE B 78 16.57 -40.92 10.81
C ILE B 78 15.56 -40.67 11.93
N LEU B 79 14.46 -39.98 11.59
CA LEU B 79 13.51 -39.51 12.60
C LEU B 79 12.72 -40.68 13.21
N ASN B 80 12.32 -41.65 12.39
CA ASN B 80 11.72 -42.87 12.93
C ASN B 80 12.73 -43.93 13.39
N GLY B 81 14.02 -43.65 13.22
CA GLY B 81 15.06 -44.51 13.77
C GLY B 81 15.35 -45.78 12.98
N SER B 82 14.77 -45.88 11.79
CA SER B 82 14.98 -47.03 10.92
C SER B 82 16.22 -46.91 10.03
N ASP B 83 16.95 -45.79 10.12
CA ASP B 83 18.17 -45.61 9.32
C ASP B 83 19.25 -46.64 9.71
N ARG B 84 19.91 -47.23 8.70
CA ARG B 84 20.98 -48.27 8.90
C ARG B 84 22.00 -47.85 9.94
N ARG B 85 22.45 -46.60 9.80
CA ARG B 85 23.43 -45.99 10.70
C ARG B 85 22.97 -45.88 12.16
N LEU B 86 21.68 -46.11 12.40
CA LEU B 86 21.11 -46.10 13.75
C LEU B 86 20.84 -47.51 14.30
N PHE B 87 21.00 -48.53 13.46
CA PHE B 87 20.69 -49.91 13.90
C PHE B 87 21.48 -50.36 15.12
N GLY B 88 22.77 -50.05 15.15
CA GLY B 88 23.63 -50.35 16.31
C GLY B 88 23.13 -49.77 17.63
N ARG B 89 22.76 -48.49 17.60
CA ARG B 89 22.24 -47.81 18.79
C ARG B 89 20.89 -48.37 19.22
N ARG B 90 20.14 -48.87 18.26
CA ARG B 90 18.82 -49.44 18.49
C ARG B 90 18.89 -50.80 19.17
N LEU B 91 19.84 -51.63 18.73
CA LEU B 91 20.15 -52.90 19.40
C LEU B 91 20.60 -52.64 20.82
N ALA B 92 21.58 -51.74 20.97
CA ALA B 92 22.09 -51.35 22.27
C ALA B 92 21.02 -50.74 23.18
N ASP B 93 20.15 -49.91 22.63
CA ASP B 93 19.03 -49.33 23.39
C ASP B 93 18.11 -50.43 23.91
N PHE B 94 17.70 -51.31 23.01
CA PHE B 94 16.79 -52.39 23.38
C PHE B 94 17.40 -53.37 24.39
N PHE B 95 18.65 -53.76 24.16
CA PHE B 95 19.31 -54.69 25.06
C PHE B 95 19.80 -54.02 26.33
N THR B 96 19.82 -52.69 26.32
CA THR B 96 20.18 -51.93 27.51
C THR B 96 18.96 -51.42 28.29
N GLY B 97 17.77 -51.62 27.76
CA GLY B 97 16.54 -51.25 28.46
C GLY B 97 15.96 -49.86 28.23
N ARG B 98 16.62 -49.02 27.44
CA ARG B 98 15.98 -47.80 26.89
C ARG B 98 14.93 -48.35 25.91
N ASP B 99 13.73 -47.79 25.78
CA ASP B 99 13.36 -46.40 25.49
C ASP B 99 13.82 -46.15 24.06
N PRO B 100 13.11 -46.79 23.09
CA PRO B 100 13.45 -46.67 21.69
C PRO B 100 13.20 -45.24 21.20
N ARG B 101 14.10 -44.72 20.37
CA ARG B 101 14.02 -43.34 19.92
C ARG B 101 14.75 -43.14 18.61
N GLY B 102 14.14 -42.39 17.69
CA GLY B 102 14.78 -42.04 16.43
C GLY B 102 15.82 -40.96 16.60
N GLY B 103 16.50 -40.64 15.49
CA GLY B 103 17.54 -39.61 15.49
C GLY B 103 17.03 -38.19 15.29
N ASN B 104 17.96 -37.25 15.34
CA ASN B 104 17.66 -35.84 15.19
C ASN B 104 18.15 -35.29 13.87
N VAL B 105 17.34 -34.41 13.28
CA VAL B 105 17.75 -33.67 12.09
C VAL B 105 18.02 -32.24 12.54
N ASP B 106 19.27 -31.82 12.49
CA ASP B 106 19.59 -30.43 12.84
C ASP B 106 19.75 -29.57 11.59
N THR B 107 18.82 -28.64 11.41
CA THR B 107 18.73 -27.81 10.21
C THR B 107 19.62 -26.57 10.30
N THR B 108 19.82 -25.94 9.15
CA THR B 108 20.63 -24.73 9.03
C THR B 108 19.86 -23.44 9.30
N ILE B 109 18.54 -23.56 9.46
CA ILE B 109 17.66 -22.43 9.73
C ILE B 109 18.08 -21.65 10.98
N ASN B 110 18.14 -20.34 10.85
CA ASN B 110 18.26 -19.43 11.97
C ASN B 110 16.84 -18.94 12.26
N PRO B 111 16.30 -19.30 13.44
CA PRO B 111 14.94 -18.92 13.85
C PRO B 111 14.63 -17.41 13.84
N ARG B 112 15.54 -16.58 14.36
CA ARG B 112 15.42 -15.12 14.24
C ARG B 112 15.12 -14.66 12.79
N ILE B 113 15.86 -15.20 11.82
CA ILE B 113 15.71 -14.81 10.41
C ILE B 113 14.47 -15.43 9.76
N GLN B 114 14.19 -16.69 10.08
CA GLN B 114 12.95 -17.32 9.64
C GLN B 114 11.75 -16.55 10.19
N GLN B 115 11.80 -16.19 11.47
CA GLN B 115 10.73 -15.41 12.11
C GLN B 115 10.57 -14.05 11.45
N ALA B 116 11.67 -13.30 11.32
CA ALA B 116 11.66 -12.00 10.65
C ALA B 116 11.00 -12.08 9.28
N GLY B 117 11.36 -13.11 8.51
CA GLY B 117 10.84 -13.32 7.17
C GLY B 117 9.34 -13.58 7.17
N TRP B 118 8.89 -14.44 8.08
CA TRP B 118 7.45 -14.69 8.26
C TRP B 118 6.69 -13.44 8.70
N ASP B 119 7.21 -12.77 9.72
CA ASP B 119 6.61 -11.56 10.26
C ASP B 119 6.43 -10.48 9.20
N ALA B 120 7.49 -10.21 8.44
CA ALA B 120 7.48 -9.25 7.33
C ALA B 120 6.45 -9.61 6.25
N MET B 121 6.33 -10.91 5.96
CA MET B 121 5.36 -11.38 4.99
C MET B 121 3.91 -11.31 5.51
N GLN B 122 3.73 -11.26 6.82
CA GLN B 122 2.37 -11.15 7.37
C GLN B 122 1.90 -9.70 7.41
N GLN B 123 2.83 -8.76 7.44
CA GLN B 123 2.56 -7.32 7.56
C GLN B 123 2.88 -6.47 6.32
N GLY B 124 3.59 -7.04 5.35
CA GLY B 124 4.16 -6.25 4.26
C GLY B 124 3.21 -5.92 3.12
N CYS B 125 2.01 -6.50 3.14
CA CYS B 125 1.05 -6.29 2.06
C CYS B 125 -0.30 -5.72 2.52
N TYR B 126 -0.29 -4.81 3.50
CA TYR B 126 -1.52 -4.24 4.08
C TYR B 126 -2.38 -5.38 4.62
N GLY B 127 -1.72 -6.36 5.21
CA GLY B 127 -2.23 -7.72 5.41
C GLY B 127 -1.16 -8.69 4.92
N PRO B 128 -1.42 -10.01 4.99
CA PRO B 128 -0.38 -11.00 4.62
C PRO B 128 -0.08 -11.05 3.12
N CYS B 129 1.21 -11.18 2.81
CA CYS B 129 1.67 -11.37 1.45
C CYS B 129 1.62 -12.86 1.06
N LYS B 130 1.43 -13.12 -0.22
CA LYS B 130 1.60 -14.44 -0.81
C LYS B 130 2.99 -14.46 -1.47
N GLY B 131 3.72 -15.57 -1.28
CA GLY B 131 5.07 -15.71 -1.82
C GLY B 131 6.08 -16.34 -0.88
N ALA B 132 7.35 -15.96 -1.06
CA ALA B 132 8.46 -16.61 -0.41
C ALA B 132 9.58 -15.66 0.02
N VAL B 133 10.30 -16.06 1.07
CA VAL B 133 11.56 -15.44 1.46
C VAL B 133 12.59 -16.54 1.66
N VAL B 134 13.71 -16.43 0.97
CA VAL B 134 14.86 -17.30 1.18
C VAL B 134 16.06 -16.47 1.63
N ALA B 135 16.66 -16.86 2.75
CA ALA B 135 17.93 -16.31 3.18
C ALA B 135 19.02 -17.39 3.10
N LEU B 136 20.20 -17.01 2.63
CA LEU B 136 21.32 -17.93 2.45
C LEU B 136 22.58 -17.35 3.07
N GLU B 137 23.49 -18.20 3.52
CA GLU B 137 24.84 -17.79 3.89
C GLU B 137 25.76 -18.06 2.70
N PRO B 138 26.23 -16.98 2.03
CA PRO B 138 26.92 -17.08 0.74
C PRO B 138 28.21 -17.93 0.73
N SER B 139 28.97 -17.92 1.82
CA SER B 139 30.24 -18.62 1.88
C SER B 139 30.12 -20.12 2.19
N THR B 140 28.96 -20.54 2.69
CA THR B 140 28.77 -21.94 3.09
C THR B 140 27.66 -22.64 2.29
N GLY B 141 26.58 -21.87 2.02
CA GLY B 141 25.38 -22.38 1.34
C GLY B 141 24.27 -22.75 2.30
N LYS B 142 24.47 -22.48 3.59
CA LYS B 142 23.43 -22.65 4.60
C LYS B 142 22.17 -21.91 4.18
N ILE B 143 21.06 -22.64 4.18
CA ILE B 143 19.75 -22.05 4.02
C ILE B 143 19.36 -21.53 5.40
N LEU B 144 19.44 -20.22 5.58
CA LEU B 144 19.17 -19.61 6.89
C LEU B 144 17.69 -19.31 7.11
N ALA B 145 16.95 -19.14 6.02
CA ALA B 145 15.49 -19.04 6.08
C ALA B 145 14.90 -19.60 4.82
N LEU B 146 13.76 -20.26 4.97
CA LEU B 146 13.03 -20.85 3.88
C LEU B 146 11.60 -20.60 4.28
N VAL B 147 11.08 -19.46 3.85
CA VAL B 147 9.76 -19.01 4.24
C VAL B 147 8.82 -19.07 3.04
N SER B 148 7.61 -19.55 3.29
CA SER B 148 6.55 -19.55 2.31
C SER B 148 5.25 -19.04 2.97
N SER B 149 4.46 -18.29 2.20
CA SER B 149 3.25 -17.61 2.66
C SER B 149 2.22 -17.58 1.55
N PRO B 150 0.97 -18.00 1.81
CA PRO B 150 0.43 -18.45 3.11
C PRO B 150 0.96 -19.83 3.51
N SER B 151 0.95 -20.13 4.81
CA SER B 151 1.39 -21.43 5.32
C SER B 151 0.21 -22.16 5.97
N TYR B 152 0.48 -23.20 6.75
CA TYR B 152 -0.58 -24.00 7.37
C TYR B 152 -0.09 -24.51 8.72
N ASP B 153 -0.98 -25.10 9.49
CA ASP B 153 -0.62 -25.64 10.79
C ASP B 153 -0.46 -27.15 10.69
N PRO B 154 0.79 -27.66 10.71
CA PRO B 154 0.98 -29.10 10.64
C PRO B 154 0.45 -29.89 11.86
N ASN B 155 0.22 -29.24 13.00
CA ASN B 155 -0.38 -29.94 14.15
C ASN B 155 -1.74 -30.50 13.79
N LEU B 156 -2.40 -29.91 12.81
CA LEU B 156 -3.74 -30.32 12.38
C LEU B 156 -3.67 -31.69 11.72
N LEU B 157 -2.61 -31.91 10.95
CA LEU B 157 -2.37 -33.20 10.31
C LEU B 157 -1.69 -34.22 11.25
N ALA B 158 -1.12 -33.73 12.36
CA ALA B 158 -0.49 -34.58 13.37
C ALA B 158 -1.52 -35.12 14.36
N SER B 159 -2.72 -34.56 14.33
CA SER B 159 -3.80 -34.92 15.25
C SER B 159 -4.21 -36.38 15.16
N HIS B 160 -4.41 -37.01 16.31
CA HIS B 160 -4.87 -38.40 16.35
C HIS B 160 -6.37 -38.58 16.08
N ASN B 161 -7.10 -37.45 16.00
CA ASN B 161 -8.52 -37.45 15.64
C ASN B 161 -8.68 -37.47 14.12
N PRO B 162 -9.24 -38.55 13.55
CA PRO B 162 -9.34 -38.66 12.09
C PRO B 162 -10.17 -37.59 11.38
N GLU B 163 -11.14 -36.99 12.07
CA GLU B 163 -11.98 -35.95 11.48
C GLU B 163 -11.22 -34.62 11.42
N VAL B 164 -10.37 -34.37 12.41
CA VAL B 164 -9.52 -33.19 12.45
C VAL B 164 -8.50 -33.21 11.29
N GLN B 165 -7.92 -34.37 11.00
CA GLN B 165 -7.00 -34.50 9.88
C GLN B 165 -7.73 -34.32 8.55
N ALA B 166 -8.84 -35.04 8.41
CA ALA B 166 -9.65 -35.06 7.19
C ALA B 166 -10.17 -33.68 6.80
N GLN B 167 -10.64 -32.91 7.78
CA GLN B 167 -11.15 -31.57 7.53
C GLN B 167 -10.03 -30.58 7.23
N ALA B 168 -8.91 -30.70 7.97
CA ALA B 168 -7.70 -29.90 7.69
C ALA B 168 -7.20 -30.12 6.26
N TRP B 169 -7.07 -31.39 5.87
CA TRP B 169 -6.64 -31.79 4.55
C TRP B 169 -7.54 -31.28 3.41
N GLN B 170 -8.85 -31.32 3.63
CA GLN B 170 -9.85 -30.87 2.66
C GLN B 170 -9.88 -29.34 2.55
N ARG B 171 -9.70 -28.67 3.70
CA ARG B 171 -9.57 -27.22 3.78
C ARG B 171 -8.34 -26.73 3.01
N LEU B 172 -7.18 -27.34 3.28
CA LEU B 172 -5.91 -26.97 2.62
C LEU B 172 -6.01 -27.25 1.13
N GLY B 173 -6.52 -28.43 0.78
CA GLY B 173 -6.66 -28.84 -0.61
C GLY B 173 -7.57 -27.99 -1.47
N ASP B 174 -8.59 -27.38 -0.85
CA ASP B 174 -9.57 -26.57 -1.56
C ASP B 174 -9.23 -25.08 -1.54
N ASN B 175 -8.23 -24.70 -0.74
CA ASN B 175 -7.82 -23.30 -0.64
C ASN B 175 -7.03 -22.93 -1.88
N PRO B 176 -7.56 -21.96 -2.67
CA PRO B 176 -6.96 -21.58 -3.96
C PRO B 176 -5.59 -20.88 -3.83
N ALA B 177 -5.24 -20.43 -2.62
CA ALA B 177 -3.96 -19.78 -2.34
C ALA B 177 -2.88 -20.79 -1.97
N SER B 178 -3.27 -22.06 -1.94
CA SER B 178 -2.38 -23.21 -1.80
C SER B 178 -1.30 -23.11 -0.69
N PRO B 179 -1.73 -23.10 0.60
CA PRO B 179 -0.76 -23.00 1.70
C PRO B 179 0.23 -24.16 1.84
N LEU B 180 -0.09 -25.33 1.27
CA LEU B 180 0.82 -26.48 1.31
C LEU B 180 2.09 -26.30 0.44
N THR B 181 1.95 -25.64 -0.69
CA THR B 181 3.06 -25.38 -1.61
C THR B 181 4.23 -24.68 -0.93
N ASN B 182 5.43 -25.21 -1.10
CA ASN B 182 6.62 -24.46 -0.70
C ASN B 182 7.06 -23.57 -1.85
N ARG B 183 6.64 -22.30 -1.78
CA ARG B 183 6.85 -21.35 -2.87
C ARG B 183 8.33 -20.99 -3.09
N ALA B 184 9.13 -21.18 -2.03
CA ALA B 184 10.54 -20.87 -2.05
C ALA B 184 11.31 -21.80 -2.98
N ILE B 185 10.85 -23.05 -3.11
CA ILE B 185 11.60 -24.05 -3.85
C ILE B 185 10.82 -24.81 -4.91
N SER B 186 9.49 -24.76 -4.83
CA SER B 186 8.62 -25.60 -5.68
C SER B 186 7.96 -24.82 -6.79
N GLU B 187 8.01 -23.52 -6.64
CA GLU B 187 7.38 -22.64 -7.62
C GLU B 187 8.43 -21.77 -8.30
N THR B 188 8.30 -21.64 -9.61
CA THR B 188 9.10 -20.74 -10.38
C THR B 188 8.25 -19.57 -10.88
N TYR B 189 8.86 -18.38 -10.87
CA TYR B 189 8.27 -17.13 -11.28
C TYR B 189 9.22 -16.38 -12.20
N PRO B 190 8.67 -15.62 -13.17
CA PRO B 190 9.56 -14.73 -13.94
C PRO B 190 10.31 -13.77 -13.00
N PRO B 191 11.65 -13.62 -13.19
CA PRO B 191 12.44 -12.72 -12.33
C PRO B 191 12.28 -11.21 -12.62
N GLY B 192 11.78 -10.87 -13.80
CA GLY B 192 11.70 -9.46 -14.19
C GLY B 192 13.07 -8.80 -14.22
N SER B 193 13.19 -7.66 -13.54
CA SER B 193 14.39 -6.83 -13.60
C SER B 193 15.55 -7.38 -12.80
N THR B 194 15.28 -8.32 -11.88
CA THR B 194 16.36 -8.96 -11.09
C THR B 194 17.28 -9.77 -12.02
N PHE B 195 16.73 -10.20 -13.14
CA PHE B 195 17.48 -10.91 -14.16
C PHE B 195 18.47 -10.02 -14.93
N LYS B 196 18.29 -8.70 -14.86
CA LYS B 196 19.25 -7.75 -15.44
C LYS B 196 20.63 -7.99 -14.84
N VAL B 197 20.66 -8.59 -13.65
CA VAL B 197 21.91 -9.05 -13.05
C VAL B 197 22.65 -10.07 -13.94
N ILE B 198 21.91 -11.00 -14.53
CA ILE B 198 22.46 -12.05 -15.42
C ILE B 198 22.82 -11.49 -16.80
N THR B 199 22.00 -10.56 -17.28
CA THR B 199 22.26 -9.88 -18.54
C THR B 199 23.52 -9.03 -18.42
N THR B 200 23.66 -8.32 -17.29
CA THR B 200 24.83 -7.48 -17.00
C THR B 200 26.08 -8.37 -16.84
N ALA B 201 25.93 -9.47 -16.10
CA ALA B 201 27.01 -10.41 -15.87
C ALA B 201 27.57 -10.96 -17.18
N ALA B 202 26.68 -11.32 -18.11
CA ALA B 202 27.10 -11.81 -19.42
C ALA B 202 27.71 -10.69 -20.26
N ALA B 203 27.26 -9.46 -20.06
CA ALA B 203 27.86 -8.34 -20.78
C ALA B 203 29.28 -8.07 -20.26
N LEU B 204 29.41 -7.95 -18.93
CA LEU B 204 30.71 -7.74 -18.29
C LEU B 204 31.72 -8.84 -18.60
N ALA B 205 31.25 -10.09 -18.66
CA ALA B 205 32.09 -11.23 -19.01
C ALA B 205 32.53 -11.22 -20.47
N ALA B 206 31.84 -10.43 -21.29
CA ALA B 206 32.12 -10.35 -22.72
C ALA B 206 32.98 -9.12 -23.09
N GLY B 207 33.42 -8.38 -22.06
CA GLY B 207 34.26 -7.19 -22.24
C GLY B 207 33.58 -5.84 -22.05
N ALA B 208 32.27 -5.85 -21.79
CA ALA B 208 31.54 -4.61 -21.51
C ALA B 208 32.04 -3.90 -20.26
N THR B 209 31.83 -2.59 -20.19
CA THR B 209 32.26 -1.77 -19.06
C THR B 209 31.07 -0.99 -18.47
N GLU B 210 31.12 -0.75 -17.16
CA GLU B 210 30.19 0.12 -16.44
C GLU B 210 29.81 1.40 -17.22
N THR B 211 30.75 1.93 -18.00
CA THR B 211 30.55 3.18 -18.75
C THR B 211 30.08 2.98 -20.20
N GLU B 212 29.88 1.73 -20.61
CA GLU B 212 29.30 1.42 -21.92
C GLU B 212 28.04 2.24 -22.09
N GLN B 213 27.91 2.93 -23.22
CA GLN B 213 26.73 3.74 -23.49
C GLN B 213 25.64 2.95 -24.22
N LEU B 214 24.47 2.87 -23.60
CA LEU B 214 23.34 2.13 -24.12
C LEU B 214 22.19 3.08 -24.35
N THR B 215 21.19 2.66 -25.13
CA THR B 215 20.00 3.48 -25.42
C THR B 215 19.27 3.98 -24.17
N ALA B 216 18.77 5.22 -24.23
CA ALA B 216 17.94 5.78 -23.18
C ALA B 216 16.49 5.89 -23.65
N ALA B 217 16.23 5.39 -24.86
CA ALA B 217 14.92 5.54 -25.50
C ALA B 217 13.78 5.00 -24.66
N PRO B 218 12.62 5.66 -24.74
CA PRO B 218 11.48 5.13 -23.99
C PRO B 218 10.98 3.79 -24.53
N THR B 219 11.32 3.49 -25.79
CA THR B 219 10.70 2.41 -26.55
C THR B 219 11.77 1.79 -27.42
N ILE B 220 11.67 0.48 -27.66
CA ILE B 220 12.60 -0.23 -28.54
C ILE B 220 11.82 -1.28 -29.34
N PRO B 221 12.00 -1.29 -30.67
CA PRO B 221 11.34 -2.34 -31.41
C PRO B 221 12.16 -3.64 -31.29
N LEU B 222 11.48 -4.79 -31.27
CA LEU B 222 12.19 -6.06 -31.26
C LEU B 222 12.31 -6.53 -32.69
N PRO B 223 13.53 -6.96 -33.10
CA PRO B 223 13.80 -7.30 -34.48
C PRO B 223 13.09 -8.59 -34.87
N GLY B 224 12.58 -8.64 -36.09
CA GLY B 224 11.81 -9.78 -36.60
C GLY B 224 10.45 -9.87 -35.93
N SER B 225 10.04 -8.78 -35.28
CA SER B 225 8.78 -8.78 -34.54
C SER B 225 8.05 -7.44 -34.59
N THR B 226 6.73 -7.49 -34.38
CA THR B 226 5.94 -6.28 -34.25
C THR B 226 5.90 -5.82 -32.79
N ALA B 227 6.31 -6.72 -31.89
CA ALA B 227 6.42 -6.42 -30.46
C ALA B 227 7.44 -5.33 -30.15
N GLN B 228 7.16 -4.58 -29.10
CA GLN B 228 8.05 -3.53 -28.63
C GLN B 228 8.13 -3.64 -27.13
N LEU B 229 9.19 -3.05 -26.57
CA LEU B 229 9.40 -3.02 -25.14
C LEU B 229 9.71 -1.60 -24.72
N GLU B 230 9.29 -1.22 -23.53
CA GLU B 230 9.37 0.17 -23.09
C GLU B 230 10.00 0.29 -21.72
N ASN B 231 10.54 1.47 -21.41
CA ASN B 231 10.83 1.79 -20.03
C ASN B 231 9.51 1.99 -19.30
N TYR B 232 9.50 1.70 -18.00
CA TYR B 232 8.28 1.91 -17.25
C TYR B 232 7.76 3.34 -17.44
N GLY B 233 6.47 3.44 -17.80
CA GLY B 233 5.81 4.73 -17.99
C GLY B 233 6.19 5.49 -19.25
N GLY B 234 6.93 4.84 -20.14
CA GLY B 234 7.41 5.50 -21.35
C GLY B 234 8.43 6.59 -21.10
N ALA B 235 8.94 6.67 -19.87
CA ALA B 235 9.98 7.64 -19.51
C ALA B 235 11.31 7.23 -20.11
N PRO B 236 12.00 8.15 -20.81
CA PRO B 236 13.35 7.87 -21.29
C PRO B 236 14.33 7.68 -20.13
N CYS B 237 15.41 6.94 -20.36
CA CYS B 237 16.39 6.72 -19.29
C CYS B 237 17.33 7.92 -19.19
N GLY B 238 16.93 8.88 -18.35
CA GLY B 238 17.61 10.18 -18.29
C GLY B 238 17.26 10.99 -19.53
N ASP B 239 17.94 12.12 -19.72
CA ASP B 239 17.52 13.10 -20.72
C ASP B 239 18.40 13.22 -21.94
N GLU B 240 19.42 12.37 -22.01
CA GLU B 240 20.37 12.36 -23.11
C GLU B 240 20.08 11.20 -24.08
N PRO B 241 20.74 11.19 -25.26
CA PRO B 241 20.55 10.08 -26.22
C PRO B 241 20.83 8.70 -25.61
N THR B 242 21.83 8.62 -24.74
CA THR B 242 22.29 7.35 -24.22
C THR B 242 22.59 7.42 -22.72
N VAL B 243 22.75 6.26 -22.09
CA VAL B 243 23.13 6.16 -20.68
C VAL B 243 24.24 5.15 -20.52
N SER B 244 25.04 5.33 -19.47
CA SER B 244 26.01 4.34 -19.06
C SER B 244 25.27 3.10 -18.53
N LEU B 245 25.93 1.94 -18.60
CA LEU B 245 25.37 0.75 -17.96
C LEU B 245 25.03 1.03 -16.49
N ARG B 246 25.96 1.67 -15.76
CA ARG B 246 25.73 2.06 -14.38
C ARG B 246 24.40 2.77 -14.15
N GLU B 247 24.10 3.82 -14.92
CA GLU B 247 22.85 4.55 -14.71
C GLU B 247 21.65 3.73 -15.14
N ALA B 248 21.78 3.04 -16.28
CA ALA B 248 20.74 2.11 -16.74
C ALA B 248 20.45 1.01 -15.70
N PHE B 249 21.50 0.54 -15.03
CA PHE B 249 21.35 -0.48 -14.00
C PHE B 249 20.68 0.11 -12.76
N VAL B 250 21.28 1.14 -12.17
CA VAL B 250 20.80 1.69 -10.89
C VAL B 250 19.39 2.32 -10.95
N LYS B 251 18.94 2.67 -12.15
CA LYS B 251 17.57 3.17 -12.33
C LYS B 251 16.65 2.10 -12.87
N SER B 252 17.26 0.99 -13.32
CA SER B 252 16.57 -0.12 -13.96
C SER B 252 15.76 0.27 -15.21
N CYS B 253 16.48 0.65 -16.25
CA CYS B 253 15.87 1.06 -17.51
C CYS B 253 15.81 -0.15 -18.42
N ASN B 254 14.60 -0.52 -18.82
CA ASN B 254 14.35 -1.70 -19.61
C ASN B 254 15.03 -1.74 -20.97
N THR B 255 14.99 -0.62 -21.71
CA THR B 255 15.40 -0.63 -23.13
C THR B 255 16.89 -0.81 -23.26
N ALA B 256 17.62 -0.27 -22.29
CA ALA B 256 19.06 -0.39 -22.26
C ALA B 256 19.45 -1.87 -22.10
N PHE B 257 18.65 -2.62 -21.35
CA PHE B 257 18.88 -4.05 -21.12
C PHE B 257 18.40 -4.97 -22.22
N VAL B 258 17.33 -4.61 -22.90
CA VAL B 258 16.95 -5.30 -24.12
C VAL B 258 18.06 -5.15 -25.16
N GLN B 259 18.61 -3.94 -25.28
CA GLN B 259 19.64 -3.64 -26.25
C GLN B 259 20.91 -4.41 -25.92
N LEU B 260 21.35 -4.30 -24.67
CA LEU B 260 22.51 -5.02 -24.18
C LEU B 260 22.36 -6.53 -24.43
N GLY B 261 21.21 -7.07 -24.04
CA GLY B 261 20.93 -8.51 -24.18
C GLY B 261 20.97 -9.01 -25.61
N ILE B 262 20.40 -8.24 -26.53
CA ILE B 262 20.38 -8.58 -27.95
C ILE B 262 21.79 -8.49 -28.55
N ARG B 263 22.52 -7.45 -28.14
CA ARG B 263 23.89 -7.21 -28.58
C ARG B 263 24.78 -8.39 -28.20
N THR B 264 24.65 -8.80 -26.93
CA THR B 264 25.51 -9.83 -26.35
C THR B 264 25.16 -11.21 -26.90
N GLY B 265 23.88 -11.47 -27.11
CA GLY B 265 23.45 -12.68 -27.81
C GLY B 265 23.03 -13.83 -26.92
N ALA B 266 22.27 -14.74 -27.51
CA ALA B 266 21.60 -15.82 -26.78
C ALA B 266 22.58 -16.73 -26.10
N ASP B 267 23.54 -17.25 -26.87
CA ASP B 267 24.60 -18.14 -26.39
C ASP B 267 25.24 -17.68 -25.10
N ALA B 268 25.65 -16.41 -25.08
CA ALA B 268 26.28 -15.79 -23.92
C ALA B 268 25.29 -15.68 -22.75
N LEU B 269 24.03 -15.40 -23.06
CA LEU B 269 23.01 -15.32 -22.02
C LEU B 269 22.70 -16.71 -21.41
N ARG B 270 22.43 -17.70 -22.26
CA ARG B 270 22.24 -19.09 -21.78
C ARG B 270 23.42 -19.55 -20.93
N SER B 271 24.63 -19.29 -21.41
CA SER B 271 25.85 -19.70 -20.76
C SER B 271 26.04 -19.02 -19.42
N MET B 272 25.73 -17.73 -19.34
CA MET B 272 25.75 -17.04 -18.05
C MET B 272 24.62 -17.48 -17.11
N ALA B 273 23.48 -17.85 -17.68
CA ALA B 273 22.34 -18.36 -16.91
C ALA B 273 22.66 -19.76 -16.35
N ARG B 274 23.16 -20.65 -17.21
CA ARG B 274 23.72 -21.94 -16.75
C ARG B 274 24.81 -21.74 -15.69
N ALA B 275 25.69 -20.75 -15.91
CA ALA B 275 26.76 -20.47 -14.95
C ALA B 275 26.20 -20.17 -13.56
N PHE B 276 25.05 -19.50 -13.52
CA PHE B 276 24.37 -19.12 -12.28
C PHE B 276 23.37 -20.16 -11.72
N GLY B 277 23.34 -21.37 -12.28
CA GLY B 277 22.47 -22.44 -11.76
C GLY B 277 21.19 -22.74 -12.52
N LEU B 278 20.94 -22.01 -13.59
CA LEU B 278 19.72 -22.18 -14.39
C LEU B 278 19.93 -23.26 -15.44
N ASP B 279 18.91 -24.10 -15.67
CA ASP B 279 18.97 -25.14 -16.69
C ASP B 279 20.03 -26.19 -16.38
N SER B 280 20.33 -26.33 -15.09
CA SER B 280 21.05 -27.49 -14.60
C SER B 280 20.23 -28.02 -13.45
N PRO B 281 20.02 -29.34 -13.40
CA PRO B 281 19.16 -29.98 -12.40
C PRO B 281 19.65 -29.71 -10.99
N PRO B 282 18.81 -29.09 -10.14
CA PRO B 282 19.30 -28.76 -8.81
C PRO B 282 19.59 -30.04 -8.00
N ARG B 283 20.58 -29.97 -7.11
CA ARG B 283 20.77 -30.98 -6.08
C ARG B 283 19.64 -30.87 -5.04
N PRO B 284 19.26 -31.99 -4.40
CA PRO B 284 18.28 -31.90 -3.32
C PRO B 284 18.93 -31.16 -2.15
N THR B 285 18.13 -30.68 -1.21
CA THR B 285 18.64 -29.80 -0.17
C THR B 285 18.64 -30.32 1.28
N PRO B 286 18.06 -31.52 1.57
CA PRO B 286 17.47 -32.66 0.83
C PRO B 286 16.10 -32.46 0.16
N LEU B 287 15.47 -31.33 0.40
CA LEU B 287 14.19 -31.03 -0.25
C LEU B 287 14.42 -30.77 -1.74
N GLN B 288 13.53 -31.31 -2.55
CA GLN B 288 13.65 -31.17 -3.99
C GLN B 288 13.30 -29.74 -4.39
N VAL B 289 14.08 -29.20 -5.34
CA VAL B 289 13.95 -27.82 -5.79
C VAL B 289 13.53 -27.91 -7.25
N ALA B 290 12.48 -27.18 -7.62
CA ALA B 290 12.05 -27.14 -9.02
C ALA B 290 13.16 -26.50 -9.88
N GLU B 291 13.24 -26.86 -11.15
CA GLU B 291 14.34 -26.36 -11.99
C GLU B 291 14.03 -24.96 -12.51
N SER B 292 14.99 -24.06 -12.37
CA SER B 292 14.87 -22.70 -12.93
C SER B 292 15.41 -22.70 -14.35
N THR B 293 14.89 -21.83 -15.19
CA THR B 293 15.23 -21.87 -16.60
C THR B 293 15.31 -20.49 -17.19
N VAL B 294 16.01 -20.39 -18.31
CA VAL B 294 16.15 -19.14 -19.05
C VAL B 294 15.21 -19.20 -20.28
N GLY B 295 14.78 -20.41 -20.62
CA GLY B 295 13.85 -20.63 -21.72
C GLY B 295 14.60 -21.01 -22.99
N PRO B 296 13.86 -21.46 -24.02
CA PRO B 296 14.52 -21.84 -25.27
C PRO B 296 15.26 -20.67 -25.95
N ILE B 297 14.71 -19.45 -25.83
CA ILE B 297 15.16 -18.25 -26.57
C ILE B 297 15.21 -18.55 -28.08
N PRO B 298 14.06 -18.82 -28.69
CA PRO B 298 14.07 -19.23 -30.10
C PRO B 298 14.60 -18.19 -31.09
N ASP B 299 14.49 -16.90 -30.78
CA ASP B 299 14.88 -15.86 -31.72
C ASP B 299 15.24 -14.55 -31.01
N SER B 300 15.50 -13.53 -31.81
CA SER B 300 16.06 -12.28 -31.33
C SER B 300 15.09 -11.43 -30.53
N ALA B 301 13.81 -11.43 -30.92
CA ALA B 301 12.75 -10.81 -30.14
C ALA B 301 12.66 -11.46 -28.75
N ALA B 302 12.55 -12.79 -28.74
CA ALA B 302 12.55 -13.56 -27.50
C ALA B 302 13.73 -13.16 -26.60
N LEU B 303 14.91 -12.96 -27.21
CA LEU B 303 16.13 -12.62 -26.47
C LEU B 303 16.01 -11.26 -25.82
N GLY B 304 15.28 -10.37 -26.50
CA GLY B 304 15.00 -9.07 -25.93
C GLY B 304 14.20 -9.20 -24.66
N MET B 305 13.10 -9.95 -24.73
CA MET B 305 12.27 -10.16 -23.56
C MET B 305 12.98 -10.90 -22.42
N THR B 306 13.81 -11.86 -22.79
CA THR B 306 14.57 -12.67 -21.85
C THR B 306 15.56 -11.85 -21.02
N SER B 307 16.16 -10.85 -21.68
CA SER B 307 17.14 -9.94 -21.09
C SER B 307 16.60 -9.08 -19.94
N ILE B 308 15.30 -8.80 -19.95
CA ILE B 308 14.65 -8.08 -18.84
C ILE B 308 13.78 -9.00 -17.96
N GLY B 309 14.12 -10.29 -17.97
CA GLY B 309 13.55 -11.27 -17.03
C GLY B 309 12.14 -11.68 -17.31
N GLN B 310 11.77 -11.67 -18.60
CA GLN B 310 10.41 -12.04 -19.01
C GLN B 310 10.50 -13.19 -19.99
N LYS B 311 9.62 -13.21 -21.00
CA LYS B 311 9.52 -14.32 -21.94
C LYS B 311 9.32 -15.65 -21.16
N ASP B 312 10.30 -16.55 -21.20
CA ASP B 312 10.18 -17.86 -20.55
C ASP B 312 11.13 -18.00 -19.38
N VAL B 313 11.79 -16.93 -18.97
CA VAL B 313 12.66 -17.05 -17.79
C VAL B 313 11.76 -17.32 -16.57
N ALA B 314 12.13 -18.30 -15.78
CA ALA B 314 11.35 -18.69 -14.60
C ALA B 314 12.31 -19.21 -13.54
N LEU B 315 12.34 -18.51 -12.40
CA LEU B 315 13.24 -18.82 -11.30
C LEU B 315 12.44 -19.13 -10.05
N THR B 316 12.95 -20.05 -9.23
CA THR B 316 12.48 -20.18 -7.86
C THR B 316 13.13 -19.08 -7.01
N PRO B 317 12.44 -18.63 -5.96
CA PRO B 317 13.07 -17.73 -5.00
C PRO B 317 14.45 -18.17 -4.56
N LEU B 318 14.62 -19.45 -4.22
CA LEU B 318 15.93 -19.99 -3.85
C LEU B 318 17.01 -19.71 -4.94
N ALA B 319 16.69 -20.01 -6.20
CA ALA B 319 17.60 -19.73 -7.31
C ALA B 319 17.89 -18.23 -7.40
N ASN B 320 16.90 -17.39 -7.14
CA ASN B 320 17.18 -15.95 -7.18
C ASN B 320 18.10 -15.51 -6.03
N ALA B 321 17.87 -16.08 -4.84
CA ALA B 321 18.77 -15.85 -3.69
C ALA B 321 20.17 -16.38 -3.95
N GLU B 322 20.25 -17.46 -4.74
CA GLU B 322 21.53 -18.07 -5.11
C GLU B 322 22.37 -17.19 -6.00
N ILE B 323 21.71 -16.48 -6.92
CA ILE B 323 22.33 -15.48 -7.77
C ILE B 323 22.99 -14.40 -6.88
N ALA B 324 22.22 -13.85 -5.95
CA ALA B 324 22.72 -12.92 -4.95
C ALA B 324 23.87 -13.49 -4.14
N ALA B 325 23.75 -14.77 -3.73
CA ALA B 325 24.73 -15.41 -2.86
C ALA B 325 26.04 -15.71 -3.57
N THR B 326 25.95 -16.03 -4.86
CA THR B 326 27.11 -16.29 -5.70
C THR B 326 27.91 -14.97 -5.88
N ILE B 327 27.20 -13.87 -6.14
CA ILE B 327 27.81 -12.56 -6.30
C ILE B 327 28.45 -12.15 -4.98
N ALA B 328 27.74 -12.43 -3.90
CA ALA B 328 28.20 -12.11 -2.55
C ALA B 328 29.51 -12.83 -2.25
N ASN B 329 29.60 -14.06 -2.78
CA ASN B 329 30.70 -14.98 -2.49
C ASN B 329 31.81 -14.93 -3.55
N GLY B 330 31.97 -13.78 -4.19
CA GLY B 330 33.09 -13.55 -5.11
C GLY B 330 33.00 -14.30 -6.42
N GLY B 331 31.82 -14.83 -6.73
CA GLY B 331 31.58 -15.56 -7.98
C GLY B 331 31.39 -17.05 -7.77
N ILE B 332 31.62 -17.52 -6.54
CA ILE B 332 31.57 -18.94 -6.18
C ILE B 332 30.19 -19.34 -5.58
N THR B 333 29.50 -20.26 -6.25
CA THR B 333 28.23 -20.81 -5.78
C THR B 333 28.50 -21.96 -4.81
N MET B 334 28.09 -21.80 -3.56
CA MET B 334 28.07 -22.93 -2.62
C MET B 334 26.74 -23.68 -2.81
N ARG B 335 26.80 -25.00 -2.68
CA ARG B 335 25.59 -25.80 -2.82
C ARG B 335 24.62 -25.51 -1.67
N PRO B 336 23.38 -25.10 -1.99
CA PRO B 336 22.39 -24.84 -0.93
C PRO B 336 22.10 -26.13 -0.19
N TYR B 337 22.23 -26.10 1.13
CA TYR B 337 21.79 -27.21 1.95
C TYR B 337 20.99 -26.74 3.16
N LEU B 338 20.01 -27.55 3.57
CA LEU B 338 19.11 -27.24 4.69
C LEU B 338 19.43 -28.00 5.99
N VAL B 339 20.19 -29.09 5.87
CA VAL B 339 20.51 -29.94 7.02
C VAL B 339 22.02 -29.89 7.34
N GLY B 340 22.32 -29.41 8.55
CA GLY B 340 23.70 -29.27 9.00
C GLY B 340 24.24 -30.57 9.58
N SER B 341 23.39 -31.35 10.23
CA SER B 341 23.84 -32.57 10.84
C SER B 341 22.71 -33.48 11.24
N LEU B 342 22.94 -34.77 11.06
CA LEU B 342 22.05 -35.79 11.58
C LEU B 342 22.68 -36.31 12.85
N LYS B 343 21.84 -36.57 13.85
CA LYS B 343 22.31 -37.07 15.14
C LYS B 343 21.54 -38.31 15.57
N GLY B 344 22.16 -39.13 16.42
CA GLY B 344 21.47 -40.26 17.02
C GLY B 344 20.59 -39.83 18.19
N PRO B 345 19.92 -40.80 18.85
CA PRO B 345 18.98 -40.53 19.95
C PRO B 345 19.68 -40.00 21.19
N ASP B 346 20.98 -40.27 21.30
CA ASP B 346 21.76 -39.72 22.41
C ASP B 346 22.58 -38.53 21.94
N LEU B 347 22.18 -38.01 20.78
CA LEU B 347 22.69 -36.75 20.21
C LEU B 347 24.13 -36.81 19.68
N ALA B 348 24.68 -38.01 19.58
CA ALA B 348 25.99 -38.20 18.93
C ALA B 348 25.81 -38.01 17.42
N ASN B 349 26.90 -37.66 16.74
CA ASN B 349 26.84 -37.26 15.33
C ASN B 349 26.95 -38.42 14.34
N ILE B 350 25.86 -38.68 13.61
CA ILE B 350 25.84 -39.64 12.51
C ILE B 350 26.44 -39.05 11.23
N SER B 351 26.17 -37.76 10.99
CA SER B 351 26.56 -37.11 9.76
C SER B 351 26.70 -35.59 9.93
N THR B 352 27.80 -35.05 9.44
CA THR B 352 27.99 -33.61 9.33
C THR B 352 28.03 -33.27 7.85
N THR B 353 27.12 -32.41 7.41
CA THR B 353 27.05 -32.00 6.01
C THR B 353 28.26 -31.15 5.67
N VAL B 354 28.92 -31.47 4.57
CA VAL B 354 30.04 -30.64 4.15
C VAL B 354 29.64 -29.56 3.13
N ARG B 355 30.16 -28.37 3.36
CA ARG B 355 30.10 -27.28 2.41
C ARG B 355 31.00 -27.60 1.23
N TYR B 356 30.45 -27.55 0.02
CA TYR B 356 31.26 -27.63 -1.18
C TYR B 356 30.84 -26.63 -2.25
N GLN B 357 31.83 -26.13 -2.97
CA GLN B 357 31.64 -25.18 -4.06
C GLN B 357 31.08 -25.92 -5.26
N GLN B 358 29.95 -25.44 -5.76
CA GLN B 358 29.24 -26.10 -6.85
C GLN B 358 29.89 -25.69 -8.18
N ARG B 359 30.17 -24.40 -8.31
CA ARG B 359 30.80 -23.85 -9.52
C ARG B 359 31.24 -22.40 -9.35
N ARG B 360 32.03 -21.91 -10.30
CA ARG B 360 32.29 -20.50 -10.42
C ARG B 360 31.44 -19.97 -11.59
N ALA B 361 30.57 -19.02 -11.30
CA ALA B 361 29.70 -18.43 -12.31
C ALA B 361 30.43 -17.32 -13.04
N VAL B 362 31.05 -16.45 -12.23
CA VAL B 362 31.80 -15.32 -12.75
C VAL B 362 33.07 -15.18 -11.94
N SER B 363 34.02 -14.45 -12.50
CA SER B 363 35.29 -14.16 -11.85
C SER B 363 35.10 -13.18 -10.71
N PRO B 364 36.08 -13.09 -9.79
CA PRO B 364 36.02 -12.09 -8.71
C PRO B 364 35.80 -10.66 -9.20
N GLN B 365 36.35 -10.35 -10.37
CA GLN B 365 36.28 -8.99 -10.92
C GLN B 365 34.89 -8.65 -11.46
N VAL B 366 34.26 -9.60 -12.13
CA VAL B 366 32.85 -9.43 -12.55
C VAL B 366 31.90 -9.44 -11.33
N ALA B 367 32.21 -10.21 -10.30
CA ALA B 367 31.45 -10.19 -9.04
C ALA B 367 31.62 -8.87 -8.29
N ALA B 368 32.83 -8.31 -8.33
CA ALA B 368 33.10 -7.01 -7.70
C ALA B 368 32.29 -5.91 -8.38
N LYS B 369 32.28 -5.92 -9.72
CA LYS B 369 31.50 -4.96 -10.50
C LYS B 369 30.00 -5.04 -10.23
N LEU B 370 29.47 -6.27 -10.19
CA LEU B 370 28.06 -6.48 -9.88
C LEU B 370 27.72 -5.99 -8.47
N THR B 371 28.57 -6.32 -7.50
CA THR B 371 28.44 -5.76 -6.15
C THR B 371 28.28 -4.24 -6.25
N GLU B 372 29.25 -3.58 -6.88
CA GLU B 372 29.24 -2.13 -7.08
C GLU B 372 27.93 -1.63 -7.68
N LEU B 373 27.49 -2.30 -8.75
CA LEU B 373 26.25 -1.91 -9.43
C LEU B 373 24.98 -2.09 -8.58
N MET B 374 24.97 -3.15 -7.78
CA MET B 374 23.85 -3.46 -6.89
C MET B 374 23.85 -2.57 -5.65
N VAL B 375 25.03 -2.22 -5.17
CA VAL B 375 25.16 -1.22 -4.11
C VAL B 375 24.55 0.12 -4.60
N GLY B 376 24.88 0.50 -5.83
CA GLY B 376 24.30 1.68 -6.49
C GLY B 376 22.79 1.62 -6.67
N ALA B 377 22.28 0.45 -7.08
CA ALA B 377 20.82 0.22 -7.21
C ALA B 377 20.09 0.36 -5.89
N GLU B 378 20.69 -0.15 -4.82
CA GLU B 378 20.13 0.00 -3.47
C GLU B 378 20.18 1.47 -3.00
N LYS B 379 21.28 2.16 -3.29
CA LYS B 379 21.42 3.61 -2.97
C LYS B 379 20.29 4.46 -3.57
N VAL B 380 20.01 4.25 -4.85
CA VAL B 380 18.94 4.94 -5.59
C VAL B 380 17.56 4.69 -5.02
N ALA B 381 17.26 3.42 -4.70
CA ALA B 381 15.88 2.97 -4.40
C ALA B 381 15.26 3.48 -3.10
N GLN B 382 13.97 3.20 -2.94
CA GLN B 382 13.22 3.48 -1.71
C GLN B 382 14.03 3.00 -0.49
N GLN B 383 14.14 3.86 0.51
CA GLN B 383 14.94 3.53 1.68
C GLN B 383 14.13 3.14 2.93
N LYS B 384 12.97 2.51 2.71
CA LYS B 384 12.15 1.97 3.81
C LYS B 384 12.73 0.64 4.32
N GLY B 385 13.14 0.63 5.59
CA GLY B 385 13.85 -0.52 6.15
C GLY B 385 15.35 -0.48 5.88
N ALA B 386 15.84 0.63 5.33
CA ALA B 386 17.26 0.84 5.10
C ALA B 386 18.03 0.80 6.43
N ILE B 387 18.53 -0.40 6.76
CA ILE B 387 19.22 -0.68 8.03
C ILE B 387 20.31 0.35 8.34
N PRO B 388 20.18 1.03 9.50
CA PRO B 388 21.06 2.08 9.96
C PRO B 388 22.44 2.17 9.29
N GLY B 389 23.33 1.23 9.60
CA GLY B 389 24.73 1.35 9.18
C GLY B 389 25.31 0.25 8.32
N VAL B 390 24.44 -0.59 7.77
CA VAL B 390 24.87 -1.70 6.92
C VAL B 390 24.68 -1.33 5.45
N GLN B 391 25.67 -1.67 4.63
CA GLN B 391 25.61 -1.41 3.20
C GLN B 391 25.04 -2.61 2.46
N ILE B 392 23.89 -2.42 1.82
CA ILE B 392 23.22 -3.49 1.09
C ILE B 392 23.49 -3.37 -0.42
N ALA B 393 23.83 -4.50 -1.04
CA ALA B 393 23.81 -4.62 -2.49
C ALA B 393 22.51 -5.32 -2.84
N SER B 394 21.72 -4.71 -3.71
CA SER B 394 20.41 -5.27 -4.03
C SER B 394 20.00 -5.07 -5.48
N LYS B 395 18.88 -5.69 -5.86
CA LYS B 395 18.24 -5.44 -7.13
C LYS B 395 16.76 -5.78 -6.96
N THR B 396 15.89 -4.82 -7.25
CA THR B 396 14.47 -5.10 -7.20
C THR B 396 13.91 -5.27 -8.60
N GLY B 397 12.69 -5.77 -8.69
CA GLY B 397 12.10 -5.98 -9.99
C GLY B 397 10.65 -6.28 -9.88
N THR B 398 9.99 -6.26 -11.03
CA THR B 398 8.59 -6.65 -11.14
C THR B 398 8.46 -7.55 -12.34
N ALA B 399 7.57 -8.52 -12.26
CA ALA B 399 7.42 -9.45 -13.34
C ALA B 399 5.97 -9.63 -13.72
N GLU B 400 5.70 -9.37 -14.99
CA GLU B 400 4.46 -9.80 -15.64
C GLU B 400 4.42 -11.31 -15.63
N HIS B 401 3.22 -11.85 -15.44
CA HIS B 401 3.07 -13.28 -15.32
C HIS B 401 1.73 -13.77 -15.86
N GLY B 402 1.64 -15.08 -16.03
CA GLY B 402 0.42 -15.78 -16.43
C GLY B 402 -0.18 -15.32 -17.74
N THR B 403 -1.42 -15.72 -17.96
CA THR B 403 -2.22 -15.29 -19.10
C THR B 403 -2.73 -13.87 -18.87
N ASP B 404 -2.86 -13.10 -19.96
CA ASP B 404 -3.19 -11.68 -19.89
C ASP B 404 -2.27 -10.92 -18.92
N PRO B 405 -0.94 -10.91 -19.21
CA PRO B 405 0.02 -10.34 -18.25
C PRO B 405 -0.08 -8.82 -18.12
N ARG B 406 -0.67 -8.19 -19.13
CA ARG B 406 -0.78 -6.73 -19.20
C ARG B 406 -1.72 -6.16 -18.13
N HIS B 407 -2.62 -6.99 -17.61
CA HIS B 407 -3.61 -6.52 -16.63
C HIS B 407 -3.43 -7.03 -15.19
N THR B 408 -3.06 -8.31 -15.04
CA THR B 408 -2.78 -8.94 -13.74
C THR B 408 -1.68 -8.17 -12.97
N PRO B 409 -1.79 -8.06 -11.63
CA PRO B 409 -0.72 -7.37 -10.87
C PRO B 409 0.63 -8.12 -10.88
N PRO B 410 1.71 -7.43 -11.30
CA PRO B 410 3.02 -8.04 -11.39
C PRO B 410 3.52 -8.50 -10.01
N HIS B 411 4.34 -9.55 -9.99
CA HIS B 411 5.01 -9.98 -8.77
C HIS B 411 6.09 -8.95 -8.42
N ALA B 412 6.40 -8.85 -7.13
CA ALA B 412 7.47 -7.98 -6.68
C ALA B 412 8.66 -8.83 -6.25
N TRP B 413 9.84 -8.52 -6.79
CA TRP B 413 11.06 -9.21 -6.38
C TRP B 413 12.06 -8.27 -5.73
N TYR B 414 12.84 -8.82 -4.79
CA TYR B 414 13.96 -8.13 -4.19
C TYR B 414 15.02 -9.19 -3.92
N ILE B 415 16.19 -9.04 -4.52
CA ILE B 415 17.33 -9.89 -4.14
C ILE B 415 18.43 -8.98 -3.63
N ALA B 416 19.18 -9.45 -2.65
CA ALA B 416 20.10 -8.60 -1.93
C ALA B 416 21.14 -9.39 -1.16
N PHE B 417 22.25 -8.72 -0.81
CA PHE B 417 23.22 -9.28 0.12
C PHE B 417 23.85 -8.20 0.97
N ALA B 418 24.26 -8.56 2.18
CA ALA B 418 24.89 -7.60 3.08
C ALA B 418 25.72 -8.27 4.18
N PRO B 419 26.71 -7.53 4.76
CA PRO B 419 27.25 -6.25 4.26
C PRO B 419 27.84 -6.43 2.85
N ALA B 420 27.64 -5.44 1.99
CA ALA B 420 28.05 -5.53 0.58
C ALA B 420 29.53 -5.87 0.38
N GLN B 421 30.39 -5.34 1.26
CA GLN B 421 31.84 -5.50 1.13
C GLN B 421 32.45 -6.67 1.93
N ALA B 422 31.63 -7.31 2.77
CA ALA B 422 31.97 -8.58 3.42
C ALA B 422 30.68 -9.36 3.82
N PRO B 423 29.97 -9.92 2.80
CA PRO B 423 28.62 -10.49 2.95
C PRO B 423 28.48 -11.65 3.94
N LYS B 424 27.43 -11.56 4.75
CA LYS B 424 27.11 -12.55 5.76
C LYS B 424 25.81 -13.23 5.40
N VAL B 425 25.07 -12.65 4.46
CA VAL B 425 23.70 -13.09 4.18
C VAL B 425 23.26 -12.61 2.81
N ALA B 426 22.59 -13.48 2.07
CA ALA B 426 21.97 -13.08 0.82
C ALA B 426 20.51 -13.48 0.91
N VAL B 427 19.60 -12.64 0.42
CA VAL B 427 18.16 -12.96 0.48
C VAL B 427 17.52 -12.87 -0.89
N ALA B 428 16.41 -13.60 -1.07
CA ALA B 428 15.45 -13.28 -2.12
C ALA B 428 14.05 -13.21 -1.52
N VAL B 429 13.34 -12.14 -1.89
CA VAL B 429 11.93 -11.95 -1.52
C VAL B 429 11.12 -11.98 -2.80
N LEU B 430 10.07 -12.78 -2.79
CA LEU B 430 9.09 -12.73 -3.83
C LEU B 430 7.72 -12.54 -3.18
N VAL B 431 6.98 -11.56 -3.68
CA VAL B 431 5.63 -11.25 -3.21
C VAL B 431 4.77 -11.39 -4.45
N GLU B 432 3.95 -12.42 -4.46
CA GLU B 432 3.11 -12.70 -5.62
C GLU B 432 2.08 -11.61 -5.78
N ASN B 433 1.92 -11.12 -6.99
CA ASN B 433 1.01 -10.01 -7.28
C ASN B 433 1.28 -8.81 -6.37
N GLY B 434 2.53 -8.66 -5.96
CA GLY B 434 2.90 -7.67 -4.95
C GLY B 434 3.07 -6.25 -5.43
N ALA B 435 3.19 -6.05 -6.73
CA ALA B 435 3.39 -4.70 -7.25
C ALA B 435 2.17 -4.16 -7.97
N ASP B 436 2.01 -2.84 -7.91
CA ASP B 436 0.96 -2.19 -8.65
C ASP B 436 1.35 -1.92 -10.10
N ARG B 437 0.45 -2.34 -10.99
CA ARG B 437 0.57 -2.08 -12.42
C ARG B 437 0.99 -0.62 -12.73
N LEU B 438 0.37 0.34 -12.04
CA LEU B 438 0.57 1.77 -12.33
C LEU B 438 1.38 2.59 -11.30
N SER B 439 2.21 1.94 -10.49
CA SER B 439 3.04 2.65 -9.52
C SER B 439 4.50 2.72 -9.93
N ALA B 440 5.12 3.87 -9.70
CA ALA B 440 6.54 4.10 -10.02
C ALA B 440 7.44 3.27 -9.12
N THR B 441 7.04 3.14 -7.85
CA THR B 441 7.64 2.17 -6.93
C THR B 441 7.12 0.81 -7.38
N GLY B 442 7.94 0.07 -8.13
CA GLY B 442 7.50 -1.16 -8.74
C GLY B 442 7.49 -2.31 -7.77
N GLY B 443 8.63 -3.01 -7.71
CA GLY B 443 8.82 -4.10 -6.78
C GLY B 443 9.31 -3.61 -5.43
N ALA B 444 9.21 -2.31 -5.19
CA ALA B 444 9.68 -1.71 -3.94
C ALA B 444 9.11 -2.35 -2.67
N LEU B 445 7.86 -2.81 -2.74
CA LEU B 445 7.18 -3.51 -1.63
C LEU B 445 7.99 -4.68 -1.04
N ALA B 446 8.72 -5.39 -1.91
CA ALA B 446 9.54 -6.55 -1.51
C ALA B 446 10.82 -6.16 -0.75
N ALA B 447 11.30 -4.94 -0.98
CA ALA B 447 12.53 -4.42 -0.36
C ALA B 447 12.58 -4.33 1.19
N PRO B 448 11.58 -3.68 1.82
CA PRO B 448 11.62 -3.65 3.30
C PRO B 448 11.44 -5.03 3.96
N ILE B 449 10.81 -5.97 3.25
CA ILE B 449 10.76 -7.35 3.69
C ILE B 449 12.17 -7.94 3.67
N GLY B 450 12.86 -7.84 2.52
CA GLY B 450 14.22 -8.34 2.39
C GLY B 450 15.15 -7.69 3.40
N ARG B 451 15.00 -6.39 3.59
CA ARG B 451 15.81 -5.63 4.53
C ARG B 451 15.61 -6.05 5.98
N ALA B 452 14.35 -6.26 6.37
CA ALA B 452 14.05 -6.72 7.73
C ALA B 452 14.67 -8.08 8.01
N VAL B 453 14.68 -8.93 6.98
CA VAL B 453 15.38 -10.23 7.02
C VAL B 453 16.89 -10.06 7.17
N ILE B 454 17.50 -9.18 6.36
CA ILE B 454 18.92 -8.88 6.51
C ILE B 454 19.24 -8.34 7.91
N GLU B 455 18.42 -7.42 8.42
CA GLU B 455 18.62 -6.87 9.77
C GLU B 455 18.67 -7.95 10.86
N ALA B 456 17.76 -8.94 10.75
CA ALA B 456 17.71 -10.05 11.70
C ALA B 456 18.94 -10.96 11.59
N ALA B 457 19.39 -11.14 10.36
CA ALA B 457 20.57 -11.95 10.07
C ALA B 457 21.81 -11.36 10.74
N LEU B 458 21.85 -10.04 10.86
CA LEU B 458 23.04 -9.32 11.31
C LEU B 458 23.00 -8.85 12.77
N GLN B 459 21.82 -8.88 13.37
CA GLN B 459 21.68 -8.43 14.76
C GLN B 459 21.92 -9.55 15.79
#